data_2FFM
# 
_entry.id   2FFM 
# 
_audit_conform.dict_name       mmcif_pdbx.dic 
_audit_conform.dict_version    5.398 
_audit_conform.dict_location   http://mmcif.pdb.org/dictionaries/ascii/mmcif_pdbx.dic 
# 
loop_
_database_2.database_id 
_database_2.database_code 
_database_2.pdbx_database_accession 
_database_2.pdbx_DOI 
PDB   2FFM         pdb_00002ffm 10.2210/pdb2ffm/pdb 
RCSB  RCSB035820   ?            ?                   
WWPDB D_1000035820 ?            ?                   
# 
loop_
_pdbx_audit_revision_history.ordinal 
_pdbx_audit_revision_history.data_content_type 
_pdbx_audit_revision_history.major_revision 
_pdbx_audit_revision_history.minor_revision 
_pdbx_audit_revision_history.revision_date 
1 'Structure model' 1 0 2005-12-27 
2 'Structure model' 1 1 2008-05-01 
3 'Structure model' 1 2 2011-07-13 
4 'Structure model' 1 3 2017-10-18 
5 'Structure model' 1 4 2024-10-30 
# 
_pdbx_audit_revision_details.ordinal             1 
_pdbx_audit_revision_details.revision_ordinal    1 
_pdbx_audit_revision_details.data_content_type   'Structure model' 
_pdbx_audit_revision_details.provider            repository 
_pdbx_audit_revision_details.type                'Initial release' 
_pdbx_audit_revision_details.description         ? 
_pdbx_audit_revision_details.details             ? 
# 
loop_
_pdbx_audit_revision_group.ordinal 
_pdbx_audit_revision_group.revision_ordinal 
_pdbx_audit_revision_group.data_content_type 
_pdbx_audit_revision_group.group 
1 2 'Structure model' 'Version format compliance' 
2 3 'Structure model' 'Version format compliance' 
3 4 'Structure model' 'Refinement description'    
4 5 'Structure model' 'Data collection'           
5 5 'Structure model' 'Database references'       
6 5 'Structure model' 'Derived calculations'      
7 5 'Structure model' 'Structure summary'         
# 
loop_
_pdbx_audit_revision_category.ordinal 
_pdbx_audit_revision_category.revision_ordinal 
_pdbx_audit_revision_category.data_content_type 
_pdbx_audit_revision_category.category 
1 4 'Structure model' software                  
2 5 'Structure model' chem_comp_atom            
3 5 'Structure model' chem_comp_bond            
4 5 'Structure model' database_2                
5 5 'Structure model' pdbx_entry_details        
6 5 'Structure model' pdbx_modification_feature 
7 5 'Structure model' struct_conn               
8 5 'Structure model' struct_ref_seq_dif        
# 
loop_
_pdbx_audit_revision_item.ordinal 
_pdbx_audit_revision_item.revision_ordinal 
_pdbx_audit_revision_item.data_content_type 
_pdbx_audit_revision_item.item 
1 4 'Structure model' '_software.name'                      
2 5 'Structure model' '_database_2.pdbx_DOI'                
3 5 'Structure model' '_database_2.pdbx_database_accession' 
4 5 'Structure model' '_struct_conn.pdbx_leaving_atom_flag' 
5 5 'Structure model' '_struct_ref_seq_dif.details'         
# 
_pdbx_database_status.status_code                     REL 
_pdbx_database_status.entry_id                        2FFM 
_pdbx_database_status.recvd_initial_deposition_date   2005-12-19 
_pdbx_database_status.deposit_site                    RCSB 
_pdbx_database_status.process_site                    RCSB 
_pdbx_database_status.status_code_sf                  REL 
_pdbx_database_status.status_code_mr                  ? 
_pdbx_database_status.SG_entry                        Y 
_pdbx_database_status.pdb_format_compatible           Y 
_pdbx_database_status.status_code_cs                  ? 
_pdbx_database_status.methods_development_category    ? 
_pdbx_database_status.status_code_nmr_data            ? 
# 
_pdbx_database_related.db_name        TargetDB 
_pdbx_database_related.db_id          ZR18 
_pdbx_database_related.details        . 
_pdbx_database_related.content_type   unspecified 
# 
loop_
_audit_author.name 
_audit_author.pdbx_ordinal 
'Forouhar, F.'                                    1  
'Chen, Y.'                                        2  
'Jayaraman, S.'                                   3  
'Janjua, H.'                                      4  
'Xiao, R.'                                        5  
'Acton, T.B.'                                     6  
'Montelione, G.T.'                                7  
'Tong, L.'                                        8  
'Hunt, J.F.'                                      9  
'Northeast Structural Genomics Consortium (NESG)' 10 
# 
_citation.id                        primary 
_citation.title                     
'Crystal Structure of the Hypothetical Protein SAV1430 from Staphylococcus aureus, Northeast Structural Genomics ZR18.' 
_citation.journal_abbrev            'To be Published' 
_citation.journal_volume            ? 
_citation.page_first                ? 
_citation.page_last                 ? 
_citation.year                      ? 
_citation.journal_id_ASTM           ? 
_citation.country                   ? 
_citation.journal_id_ISSN           ? 
_citation.journal_id_CSD            0353 
_citation.book_publisher            ? 
_citation.pdbx_database_id_PubMed   ? 
_citation.pdbx_database_id_DOI      ? 
# 
loop_
_citation_author.citation_id 
_citation_author.name 
_citation_author.ordinal 
_citation_author.identifier_ORCID 
primary 'Forouhar, F.'                                    1  ? 
primary 'Chen, Y.'                                        2  ? 
primary 'Jayaraman, S.'                                   3  ? 
primary 'Janjua, H.'                                      4  ? 
primary 'Xiao, R.'                                        5  ? 
primary 'Acton, T.B.'                                     6  ? 
primary 'Montelione, G.T.'                                7  ? 
primary 'Tong, L.'                                        8  ? 
primary 'Hunt, J.F.'                                      9  ? 
primary 'Northeast Structural Genomics Consortium (NESG)' 10 ? 
# 
loop_
_entity.id 
_entity.type 
_entity.src_method 
_entity.pdbx_description 
_entity.formula_weight 
_entity.pdbx_number_of_molecules 
_entity.pdbx_ec 
_entity.pdbx_mutation 
_entity.pdbx_fragment 
_entity.details 
1 polymer man SAV1430 10675.335 1  ? ? ? ? 
2 water   nat water   18.015    26 ? ? ? ? 
# 
_entity_poly.entity_id                      1 
_entity_poly.type                           'polypeptide(L)' 
_entity_poly.nstd_linkage                   no 
_entity_poly.nstd_monomer                   yes 
_entity_poly.pdbx_seq_one_letter_code       
;(MSE)KIISISETPNHNT(MSE)KITLSESREG(MSE)TSDTYTKVDDSQPAFINDILKVEGVKSIFHV(MSE)DFISVD
KENDANWETVLPKVEAVFELEHHHHHH
;
_entity_poly.pdbx_seq_one_letter_code_can   
;MKIISISETPNHNTMKITLSESREGMTSDTYTKVDDSQPAFINDILKVEGVKSIFHVMDFISVDKENDANWETVLPKVEA
VFELEHHHHHH
;
_entity_poly.pdbx_strand_id                 A 
_entity_poly.pdbx_target_identifier         ZR18 
# 
_pdbx_entity_nonpoly.entity_id   2 
_pdbx_entity_nonpoly.name        water 
_pdbx_entity_nonpoly.comp_id     HOH 
# 
loop_
_entity_poly_seq.entity_id 
_entity_poly_seq.num 
_entity_poly_seq.mon_id 
_entity_poly_seq.hetero 
1 1  MSE n 
1 2  LYS n 
1 3  ILE n 
1 4  ILE n 
1 5  SER n 
1 6  ILE n 
1 7  SER n 
1 8  GLU n 
1 9  THR n 
1 10 PRO n 
1 11 ASN n 
1 12 HIS n 
1 13 ASN n 
1 14 THR n 
1 15 MSE n 
1 16 LYS n 
1 17 ILE n 
1 18 THR n 
1 19 LEU n 
1 20 SER n 
1 21 GLU n 
1 22 SER n 
1 23 ARG n 
1 24 GLU n 
1 25 GLY n 
1 26 MSE n 
1 27 THR n 
1 28 SER n 
1 29 ASP n 
1 30 THR n 
1 31 TYR n 
1 32 THR n 
1 33 LYS n 
1 34 VAL n 
1 35 ASP n 
1 36 ASP n 
1 37 SER n 
1 38 GLN n 
1 39 PRO n 
1 40 ALA n 
1 41 PHE n 
1 42 ILE n 
1 43 ASN n 
1 44 ASP n 
1 45 ILE n 
1 46 LEU n 
1 47 LYS n 
1 48 VAL n 
1 49 GLU n 
1 50 GLY n 
1 51 VAL n 
1 52 LYS n 
1 53 SER n 
1 54 ILE n 
1 55 PHE n 
1 56 HIS n 
1 57 VAL n 
1 58 MSE n 
1 59 ASP n 
1 60 PHE n 
1 61 ILE n 
1 62 SER n 
1 63 VAL n 
1 64 ASP n 
1 65 LYS n 
1 66 GLU n 
1 67 ASN n 
1 68 ASP n 
1 69 ALA n 
1 70 ASN n 
1 71 TRP n 
1 72 GLU n 
1 73 THR n 
1 74 VAL n 
1 75 LEU n 
1 76 PRO n 
1 77 LYS n 
1 78 VAL n 
1 79 GLU n 
1 80 ALA n 
1 81 VAL n 
1 82 PHE n 
1 83 GLU n 
1 84 LEU n 
1 85 GLU n 
1 86 HIS n 
1 87 HIS n 
1 88 HIS n 
1 89 HIS n 
1 90 HIS n 
1 91 HIS n 
# 
_entity_src_gen.entity_id                          1 
_entity_src_gen.pdbx_src_id                        1 
_entity_src_gen.pdbx_alt_source_flag               sample 
_entity_src_gen.pdbx_seq_type                      ? 
_entity_src_gen.pdbx_beg_seq_num                   ? 
_entity_src_gen.pdbx_end_seq_num                   ? 
_entity_src_gen.gene_src_common_name               ? 
_entity_src_gen.gene_src_genus                     Staphylococcus 
_entity_src_gen.pdbx_gene_src_gene                 ? 
_entity_src_gen.gene_src_species                   'Staphylococcus aureus' 
_entity_src_gen.gene_src_strain                    'subsp. aureus Mu50' 
_entity_src_gen.gene_src_tissue                    ? 
_entity_src_gen.gene_src_tissue_fraction           ? 
_entity_src_gen.gene_src_details                   ? 
_entity_src_gen.pdbx_gene_src_fragment             ? 
_entity_src_gen.pdbx_gene_src_scientific_name      'Staphylococcus aureus subsp. aureus Mu50' 
_entity_src_gen.pdbx_gene_src_ncbi_taxonomy_id     158878 
_entity_src_gen.pdbx_gene_src_variant              ? 
_entity_src_gen.pdbx_gene_src_cell_line            ? 
_entity_src_gen.pdbx_gene_src_atcc                 ? 
_entity_src_gen.pdbx_gene_src_organ                ? 
_entity_src_gen.pdbx_gene_src_organelle            ? 
_entity_src_gen.pdbx_gene_src_cell                 ? 
_entity_src_gen.pdbx_gene_src_cellular_location    ? 
_entity_src_gen.host_org_common_name               ? 
_entity_src_gen.pdbx_host_org_scientific_name      'Escherichia coli' 
_entity_src_gen.pdbx_host_org_ncbi_taxonomy_id     562 
_entity_src_gen.host_org_genus                     Escherichia 
_entity_src_gen.pdbx_host_org_gene                 ? 
_entity_src_gen.pdbx_host_org_organ                ? 
_entity_src_gen.host_org_species                   ? 
_entity_src_gen.pdbx_host_org_tissue               ? 
_entity_src_gen.pdbx_host_org_tissue_fraction      ? 
_entity_src_gen.pdbx_host_org_strain               'BL21(DE3)+Magic' 
_entity_src_gen.pdbx_host_org_variant              ? 
_entity_src_gen.pdbx_host_org_cell_line            ? 
_entity_src_gen.pdbx_host_org_atcc                 ? 
_entity_src_gen.pdbx_host_org_culture_collection   ? 
_entity_src_gen.pdbx_host_org_cell                 ? 
_entity_src_gen.pdbx_host_org_organelle            ? 
_entity_src_gen.pdbx_host_org_cellular_location    ? 
_entity_src_gen.pdbx_host_org_vector_type          plasmid 
_entity_src_gen.pdbx_host_org_vector               ? 
_entity_src_gen.host_org_details                   ? 
_entity_src_gen.expression_system_id               ? 
_entity_src_gen.plasmid_name                       pET21 
_entity_src_gen.plasmid_details                    ? 
_entity_src_gen.pdbx_description                   ? 
# 
loop_
_chem_comp.id 
_chem_comp.type 
_chem_comp.mon_nstd_flag 
_chem_comp.name 
_chem_comp.pdbx_synonyms 
_chem_comp.formula 
_chem_comp.formula_weight 
ALA 'L-peptide linking' y ALANINE          ? 'C3 H7 N O2'     89.093  
ARG 'L-peptide linking' y ARGININE         ? 'C6 H15 N4 O2 1' 175.209 
ASN 'L-peptide linking' y ASPARAGINE       ? 'C4 H8 N2 O3'    132.118 
ASP 'L-peptide linking' y 'ASPARTIC ACID'  ? 'C4 H7 N O4'     133.103 
GLN 'L-peptide linking' y GLUTAMINE        ? 'C5 H10 N2 O3'   146.144 
GLU 'L-peptide linking' y 'GLUTAMIC ACID'  ? 'C5 H9 N O4'     147.129 
GLY 'peptide linking'   y GLYCINE          ? 'C2 H5 N O2'     75.067  
HIS 'L-peptide linking' y HISTIDINE        ? 'C6 H10 N3 O2 1' 156.162 
HOH non-polymer         . WATER            ? 'H2 O'           18.015  
ILE 'L-peptide linking' y ISOLEUCINE       ? 'C6 H13 N O2'    131.173 
LEU 'L-peptide linking' y LEUCINE          ? 'C6 H13 N O2'    131.173 
LYS 'L-peptide linking' y LYSINE           ? 'C6 H15 N2 O2 1' 147.195 
MET 'L-peptide linking' y METHIONINE       ? 'C5 H11 N O2 S'  149.211 
MSE 'L-peptide linking' n SELENOMETHIONINE ? 'C5 H11 N O2 Se' 196.106 
PHE 'L-peptide linking' y PHENYLALANINE    ? 'C9 H11 N O2'    165.189 
PRO 'L-peptide linking' y PROLINE          ? 'C5 H9 N O2'     115.130 
SER 'L-peptide linking' y SERINE           ? 'C3 H7 N O3'     105.093 
THR 'L-peptide linking' y THREONINE        ? 'C4 H9 N O3'     119.119 
TRP 'L-peptide linking' y TRYPTOPHAN       ? 'C11 H12 N2 O2'  204.225 
TYR 'L-peptide linking' y TYROSINE         ? 'C9 H11 N O3'    181.189 
VAL 'L-peptide linking' y VALINE           ? 'C5 H11 N O2'    117.146 
# 
loop_
_pdbx_poly_seq_scheme.asym_id 
_pdbx_poly_seq_scheme.entity_id 
_pdbx_poly_seq_scheme.seq_id 
_pdbx_poly_seq_scheme.mon_id 
_pdbx_poly_seq_scheme.ndb_seq_num 
_pdbx_poly_seq_scheme.pdb_seq_num 
_pdbx_poly_seq_scheme.auth_seq_num 
_pdbx_poly_seq_scheme.pdb_mon_id 
_pdbx_poly_seq_scheme.auth_mon_id 
_pdbx_poly_seq_scheme.pdb_strand_id 
_pdbx_poly_seq_scheme.pdb_ins_code 
_pdbx_poly_seq_scheme.hetero 
A 1 1  MSE 1  1  1  MSE MSE A . n 
A 1 2  LYS 2  2  2  LYS LYS A . n 
A 1 3  ILE 3  3  3  ILE ILE A . n 
A 1 4  ILE 4  4  4  ILE ILE A . n 
A 1 5  SER 5  5  5  SER SER A . n 
A 1 6  ILE 6  6  6  ILE ILE A . n 
A 1 7  SER 7  7  7  SER SER A . n 
A 1 8  GLU 8  8  8  GLU GLU A . n 
A 1 9  THR 9  9  9  THR THR A . n 
A 1 10 PRO 10 10 10 PRO PRO A . n 
A 1 11 ASN 11 11 11 ASN ASN A . n 
A 1 12 HIS 12 12 12 HIS HIS A . n 
A 1 13 ASN 13 13 13 ASN ASN A . n 
A 1 14 THR 14 14 14 THR THR A . n 
A 1 15 MSE 15 15 15 MSE MSE A . n 
A 1 16 LYS 16 16 16 LYS LYS A . n 
A 1 17 ILE 17 17 17 ILE ILE A . n 
A 1 18 THR 18 18 18 THR THR A . n 
A 1 19 LEU 19 19 19 LEU LEU A . n 
A 1 20 SER 20 20 20 SER SER A . n 
A 1 21 GLU 21 21 21 GLU GLU A . n 
A 1 22 SER 22 22 22 SER SER A . n 
A 1 23 ARG 23 23 23 ARG ARG A . n 
A 1 24 GLU 24 24 24 GLU GLU A . n 
A 1 25 GLY 25 25 25 GLY GLY A . n 
A 1 26 MSE 26 26 26 MSE MSE A . n 
A 1 27 THR 27 27 27 THR THR A . n 
A 1 28 SER 28 28 28 SER SER A . n 
A 1 29 ASP 29 29 29 ASP ASP A . n 
A 1 30 THR 30 30 30 THR THR A . n 
A 1 31 TYR 31 31 31 TYR TYR A . n 
A 1 32 THR 32 32 32 THR THR A . n 
A 1 33 LYS 33 33 33 LYS LYS A . n 
A 1 34 VAL 34 34 34 VAL VAL A . n 
A 1 35 ASP 35 35 35 ASP ASP A . n 
A 1 36 ASP 36 36 36 ASP ASP A . n 
A 1 37 SER 37 37 37 SER SER A . n 
A 1 38 GLN 38 38 38 GLN GLN A . n 
A 1 39 PRO 39 39 39 PRO PRO A . n 
A 1 40 ALA 40 40 40 ALA ALA A . n 
A 1 41 PHE 41 41 41 PHE PHE A . n 
A 1 42 ILE 42 42 42 ILE ILE A . n 
A 1 43 ASN 43 43 43 ASN ASN A . n 
A 1 44 ASP 44 44 44 ASP ASP A . n 
A 1 45 ILE 45 45 45 ILE ILE A . n 
A 1 46 LEU 46 46 46 LEU LEU A . n 
A 1 47 LYS 47 47 47 LYS LYS A . n 
A 1 48 VAL 48 48 48 VAL VAL A . n 
A 1 49 GLU 49 49 49 GLU GLU A . n 
A 1 50 GLY 50 50 50 GLY GLY A . n 
A 1 51 VAL 51 51 51 VAL VAL A . n 
A 1 52 LYS 52 52 52 LYS LYS A . n 
A 1 53 SER 53 53 53 SER SER A . n 
A 1 54 ILE 54 54 54 ILE ILE A . n 
A 1 55 PHE 55 55 55 PHE PHE A . n 
A 1 56 HIS 56 56 56 HIS HIS A . n 
A 1 57 VAL 57 57 57 VAL VAL A . n 
A 1 58 MSE 58 58 58 MSE MSE A . n 
A 1 59 ASP 59 59 59 ASP ASP A . n 
A 1 60 PHE 60 60 60 PHE PHE A . n 
A 1 61 ILE 61 61 61 ILE ILE A . n 
A 1 62 SER 62 62 62 SER SER A . n 
A 1 63 VAL 63 63 63 VAL VAL A . n 
A 1 64 ASP 64 64 64 ASP ASP A . n 
A 1 65 LYS 65 65 65 LYS LYS A . n 
A 1 66 GLU 66 66 66 GLU GLU A . n 
A 1 67 ASN 67 67 67 ASN ASN A . n 
A 1 68 ASP 68 68 68 ASP ASP A . n 
A 1 69 ALA 69 69 69 ALA ALA A . n 
A 1 70 ASN 70 70 70 ASN ASN A . n 
A 1 71 TRP 71 71 71 TRP TRP A . n 
A 1 72 GLU 72 72 72 GLU GLU A . n 
A 1 73 THR 73 73 73 THR THR A . n 
A 1 74 VAL 74 74 74 VAL VAL A . n 
A 1 75 LEU 75 75 75 LEU LEU A . n 
A 1 76 PRO 76 76 76 PRO PRO A . n 
A 1 77 LYS 77 77 77 LYS LYS A . n 
A 1 78 VAL 78 78 78 VAL VAL A . n 
A 1 79 GLU 79 79 79 GLU GLU A . n 
A 1 80 ALA 80 80 80 ALA ALA A . n 
A 1 81 VAL 81 81 81 VAL VAL A . n 
A 1 82 PHE 82 82 82 PHE PHE A . n 
A 1 83 GLU 83 83 83 GLU GLU A . n 
A 1 84 LEU 84 84 ?  ?   ?   A . n 
A 1 85 GLU 85 85 ?  ?   ?   A . n 
A 1 86 HIS 86 86 ?  ?   ?   A . n 
A 1 87 HIS 87 87 ?  ?   ?   A . n 
A 1 88 HIS 88 88 ?  ?   ?   A . n 
A 1 89 HIS 89 89 ?  ?   ?   A . n 
A 1 90 HIS 90 90 ?  ?   ?   A . n 
A 1 91 HIS 91 91 ?  ?   ?   A . n 
# 
loop_
_pdbx_nonpoly_scheme.asym_id 
_pdbx_nonpoly_scheme.entity_id 
_pdbx_nonpoly_scheme.mon_id 
_pdbx_nonpoly_scheme.ndb_seq_num 
_pdbx_nonpoly_scheme.pdb_seq_num 
_pdbx_nonpoly_scheme.auth_seq_num 
_pdbx_nonpoly_scheme.pdb_mon_id 
_pdbx_nonpoly_scheme.auth_mon_id 
_pdbx_nonpoly_scheme.pdb_strand_id 
_pdbx_nonpoly_scheme.pdb_ins_code 
B 2 HOH 1  92  1  HOH HOH A . 
B 2 HOH 2  93  2  HOH HOH A . 
B 2 HOH 3  94  3  HOH HOH A . 
B 2 HOH 4  95  4  HOH HOH A . 
B 2 HOH 5  96  5  HOH HOH A . 
B 2 HOH 6  97  6  HOH HOH A . 
B 2 HOH 7  98  7  HOH HOH A . 
B 2 HOH 8  99  8  HOH HOH A . 
B 2 HOH 9  100 9  HOH HOH A . 
B 2 HOH 10 101 10 HOH HOH A . 
B 2 HOH 11 102 11 HOH HOH A . 
B 2 HOH 12 103 12 HOH HOH A . 
B 2 HOH 13 104 13 HOH HOH A . 
B 2 HOH 14 105 14 HOH HOH A . 
B 2 HOH 15 106 15 HOH HOH A . 
B 2 HOH 16 107 16 HOH HOH A . 
B 2 HOH 17 108 17 HOH HOH A . 
B 2 HOH 18 109 18 HOH HOH A . 
B 2 HOH 19 110 19 HOH HOH A . 
B 2 HOH 20 111 20 HOH HOH A . 
B 2 HOH 21 112 21 HOH HOH A . 
B 2 HOH 22 113 22 HOH HOH A . 
B 2 HOH 23 114 23 HOH HOH A . 
B 2 HOH 24 115 24 HOH HOH A . 
B 2 HOH 25 116 25 HOH HOH A . 
B 2 HOH 26 117 26 HOH HOH A . 
# 
loop_
_software.name 
_software.classification 
_software.version 
_software.citation_id 
_software.pdbx_ordinal 
CNS       refinement       1.1 ? 1 
DENZO     'data reduction' .   ? 2 
SCALEPACK 'data scaling'   .   ? 3 
SnB       phasing          .   ? 4 
SOLVE     phasing          .   ? 5 
RESOLVE   phasing          .   ? 6 
XTALVIEW  refinement       .   ? 7 
# 
_cell.entry_id           2FFM 
_cell.length_a           40.235 
_cell.length_b           40.235 
_cell.length_c           122.947 
_cell.angle_alpha        90.00 
_cell.angle_beta         90.00 
_cell.angle_gamma        90.00 
_cell.Z_PDB              8 
_cell.pdbx_unique_axis   ? 
# 
_symmetry.entry_id                         2FFM 
_symmetry.space_group_name_H-M             'P 41 21 2' 
_symmetry.pdbx_full_space_group_name_H-M   ? 
_symmetry.cell_setting                     ? 
_symmetry.Int_Tables_number                92 
_symmetry.space_group_name_Hall            ? 
# 
_exptl.entry_id          2FFM 
_exptl.method            'X-RAY DIFFRACTION' 
_exptl.crystals_number   1 
# 
_exptl_crystal.id                    1 
_exptl_crystal.density_meas          ? 
_exptl_crystal.density_Matthews      2.33 
_exptl_crystal.density_percent_sol   47.21 
_exptl_crystal.description           ? 
_exptl_crystal.F_000                 ? 
_exptl_crystal.preparation           ? 
# 
_exptl_crystal_grow.crystal_id      1 
_exptl_crystal_grow.method          'VAPOR DIFFUSION, HANGING DROP' 
_exptl_crystal_grow.temp            291 
_exptl_crystal_grow.temp_details    ? 
_exptl_crystal_grow.pH              5.6 
_exptl_crystal_grow.pdbx_details    
;100 mM tri-sodium citrate dihydrate, 1.0 M mono-Ammonium dihydrogen Phosphate, and 5 mM DTT, pH 5.6, VAPOR DIFFUSION, HANGING DROP, temperature 291K
;
_exptl_crystal_grow.pdbx_pH_range   . 
# 
_diffrn.id                     1 
_diffrn.ambient_temp           100 
_diffrn.ambient_temp_details   ? 
_diffrn.crystal_id             1 
# 
_diffrn_detector.diffrn_id              1 
_diffrn_detector.detector               CCD 
_diffrn_detector.type                   'ADSC QUANTUM 4' 
_diffrn_detector.pdbx_collection_date   2005-11-26 
_diffrn_detector.details                mirrors 
# 
_diffrn_radiation.diffrn_id                        1 
_diffrn_radiation.wavelength_id                    1 
_diffrn_radiation.pdbx_monochromatic_or_laue_m_l   M 
_diffrn_radiation.monochromator                    'Si 111 CHANNEL' 
_diffrn_radiation.pdbx_diffrn_protocol             'SINGLE WAVELENGTH' 
_diffrn_radiation.pdbx_scattering_type             x-ray 
# 
_diffrn_radiation_wavelength.id           1 
_diffrn_radiation_wavelength.wavelength   0.97916 
_diffrn_radiation_wavelength.wt           1.0 
# 
_diffrn_source.diffrn_id                   1 
_diffrn_source.source                      SYNCHROTRON 
_diffrn_source.type                        'NSLS BEAMLINE X4A' 
_diffrn_source.pdbx_synchrotron_site       NSLS 
_diffrn_source.pdbx_synchrotron_beamline   X4A 
_diffrn_source.pdbx_wavelength             ? 
_diffrn_source.pdbx_wavelength_list        0.97916 
# 
_reflns.entry_id                     2FFM 
_reflns.observed_criterion_sigma_I   0 
_reflns.observed_criterion_sigma_F   0 
_reflns.d_resolution_low             28.71 
_reflns.d_resolution_high            2.50 
_reflns.number_obs                   5872 
_reflns.number_all                   6553 
_reflns.percent_possible_obs         89.6 
_reflns.pdbx_Rmerge_I_obs            0.058 
_reflns.pdbx_Rsym_value              0.055 
_reflns.pdbx_netI_over_sigmaI        37.6 
_reflns.B_iso_Wilson_estimate        30.9 
_reflns.pdbx_redundancy              8.4 
_reflns.R_free_details               ? 
_reflns.limit_h_max                  ? 
_reflns.limit_h_min                  ? 
_reflns.limit_k_max                  ? 
_reflns.limit_k_min                  ? 
_reflns.limit_l_max                  ? 
_reflns.limit_l_min                  ? 
_reflns.observed_criterion_F_max     ? 
_reflns.observed_criterion_F_min     ? 
_reflns.pdbx_chi_squared             ? 
_reflns.pdbx_scaling_rejects         ? 
_reflns.pdbx_diffrn_id               1 
_reflns.pdbx_ordinal                 1 
# 
_reflns_shell.d_res_high             2.50 
_reflns_shell.d_res_low              2.59 
_reflns_shell.percent_possible_all   99.8 
_reflns_shell.Rmerge_I_obs           0.147 
_reflns_shell.pdbx_Rsym_value        0.115 
_reflns_shell.meanI_over_sigI_obs    13.47 
_reflns_shell.pdbx_redundancy        8.5 
_reflns_shell.percent_possible_obs   ? 
_reflns_shell.number_unique_all      635 
_reflns_shell.number_measured_all    ? 
_reflns_shell.number_measured_obs    ? 
_reflns_shell.number_unique_obs      ? 
_reflns_shell.pdbx_chi_squared       ? 
_reflns_shell.pdbx_diffrn_id         ? 
_reflns_shell.pdbx_ordinal           1 
# 
_refine.entry_id                                 2FFM 
_refine.ls_number_reflns_obs                     5541 
_refine.ls_number_reflns_all                     5872 
_refine.pdbx_ls_sigma_I                          2.0 
_refine.pdbx_ls_sigma_F                          2.0 
_refine.pdbx_data_cutoff_high_absF               1018972.02 
_refine.pdbx_data_cutoff_low_absF                0.000000 
_refine.pdbx_data_cutoff_high_rms_absF           ? 
_refine.ls_d_res_low                             28.71 
_refine.ls_d_res_high                            2.51 
_refine.ls_percent_reflns_obs                    84.6 
_refine.ls_R_factor_obs                          0.248 
_refine.ls_R_factor_all                          0.25 
_refine.ls_R_factor_R_work                       0.248 
_refine.ls_R_factor_R_free                       0.293 
_refine.ls_R_factor_R_free_error                 0.012 
_refine.ls_R_factor_R_free_error_details         ? 
_refine.ls_percent_reflns_R_free                 10.9 
_refine.ls_number_reflns_R_free                  605 
_refine.ls_number_parameters                     ? 
_refine.ls_number_restraints                     ? 
_refine.occupancy_min                            ? 
_refine.occupancy_max                            ? 
_refine.correlation_coeff_Fo_to_Fc               ? 
_refine.correlation_coeff_Fo_to_Fc_free          ? 
_refine.B_iso_mean                               40.1 
_refine.aniso_B[1][1]                            3.67 
_refine.aniso_B[2][2]                            17.08 
_refine.aniso_B[3][3]                            -20.75 
_refine.aniso_B[1][2]                            0.00 
_refine.aniso_B[1][3]                            0.00 
_refine.aniso_B[2][3]                            0.00 
_refine.solvent_model_details                    'FLAT MODEL' 
_refine.solvent_model_param_ksol                 0.306893 
_refine.solvent_model_param_bsol                 29.1493 
_refine.pdbx_solvent_vdw_probe_radii             ? 
_refine.pdbx_solvent_ion_probe_radii             ? 
_refine.pdbx_solvent_shrinkage_radii             ? 
_refine.pdbx_ls_cross_valid_method               THROUGHOUT 
_refine.details                                  ? 
_refine.pdbx_starting_model                      ? 
_refine.pdbx_method_to_determine_struct          SAD 
_refine.pdbx_isotropic_thermal_model             OVERALL 
_refine.pdbx_stereochemistry_target_values       'Engh & Huber' 
_refine.pdbx_stereochem_target_val_spec_case     ? 
_refine.pdbx_R_Free_selection_details            RANDOM 
_refine.pdbx_overall_ESU_R                       ? 
_refine.pdbx_overall_ESU_R_Free                  ? 
_refine.overall_SU_ML                            ? 
_refine.overall_SU_B                             ? 
_refine.ls_redundancy_reflns_obs                 ? 
_refine.B_iso_min                                ? 
_refine.B_iso_max                                ? 
_refine.overall_SU_R_Cruickshank_DPI             ? 
_refine.overall_SU_R_free                        ? 
_refine.ls_wR_factor_R_free                      ? 
_refine.ls_wR_factor_R_work                      ? 
_refine.overall_FOM_free_R_set                   ? 
_refine.overall_FOM_work_R_set                   ? 
_refine.pdbx_refine_id                           'X-RAY DIFFRACTION' 
_refine.pdbx_diffrn_id                           1 
_refine.pdbx_TLS_residual_ADP_flag               ? 
_refine.pdbx_overall_phase_error                 ? 
_refine.pdbx_overall_SU_R_free_Cruickshank_DPI   ? 
_refine.pdbx_overall_SU_R_Blow_DPI               ? 
_refine.pdbx_overall_SU_R_free_Blow_DPI          ? 
# 
_refine_analyze.entry_id                        2FFM 
_refine_analyze.Luzzati_coordinate_error_obs    0.35 
_refine_analyze.Luzzati_sigma_a_obs             0.42 
_refine_analyze.Luzzati_d_res_low_obs           5.00 
_refine_analyze.Luzzati_coordinate_error_free   0.46 
_refine_analyze.Luzzati_sigma_a_free            0.58 
_refine_analyze.Luzzati_d_res_low_free          ? 
_refine_analyze.number_disordered_residues      ? 
_refine_analyze.occupancy_sum_hydrogen          ? 
_refine_analyze.occupancy_sum_non_hydrogen      ? 
_refine_analyze.pdbx_Luzzati_d_res_high_obs     ? 
_refine_analyze.pdbx_refine_id                  'X-RAY DIFFRACTION' 
# 
_refine_hist.pdbx_refine_id                   'X-RAY DIFFRACTION' 
_refine_hist.cycle_id                         LAST 
_refine_hist.pdbx_number_atoms_protein        658 
_refine_hist.pdbx_number_atoms_nucleic_acid   0 
_refine_hist.pdbx_number_atoms_ligand         0 
_refine_hist.number_atoms_solvent             26 
_refine_hist.number_atoms_total               684 
_refine_hist.d_res_high                       2.51 
_refine_hist.d_res_low                        28.71 
# 
loop_
_refine_ls_restr.type 
_refine_ls_restr.dev_ideal 
_refine_ls_restr.dev_ideal_target 
_refine_ls_restr.weight 
_refine_ls_restr.number 
_refine_ls_restr.pdbx_refine_id 
_refine_ls_restr.pdbx_restraint_function 
c_bond_d           0.007 ? ? ? 'X-RAY DIFFRACTION' ? 
c_angle_deg        1.2   ? ? ? 'X-RAY DIFFRACTION' ? 
c_dihedral_angle_d 24.4  ? ? ? 'X-RAY DIFFRACTION' ? 
c_improper_angle_d 0.78  ? ? ? 'X-RAY DIFFRACTION' ? 
# 
_refine_ls_shell.pdbx_total_number_of_bins_used   6 
_refine_ls_shell.d_res_high                       2.50 
_refine_ls_shell.d_res_low                        2.66 
_refine_ls_shell.number_reflns_R_work             723 
_refine_ls_shell.R_factor_R_work                  0.309 
_refine_ls_shell.percent_reflns_obs               74.8 
_refine_ls_shell.R_factor_R_free                  0.408 
_refine_ls_shell.R_factor_R_free_error            0.043 
_refine_ls_shell.percent_reflns_R_free            11.1 
_refine_ls_shell.number_reflns_R_free             90 
_refine_ls_shell.number_reflns_all                ? 
_refine_ls_shell.R_factor_all                     ? 
_refine_ls_shell.number_reflns_obs                605 
_refine_ls_shell.redundancy_reflns_obs            ? 
_refine_ls_shell.pdbx_refine_id                   'X-RAY DIFFRACTION' 
# 
_struct.entry_id                  2FFM 
_struct.title                     
'X-Ray Crystal Structure of Protein SAV1430 from Staphylococcus aureus. Northeast Structural Genomics Consortium Target ZR18.' 
_struct.pdbx_model_details        ? 
_struct.pdbx_CASP_flag            ? 
_struct.pdbx_model_type_details   ? 
# 
_struct_keywords.entry_id        2FFM 
_struct_keywords.pdbx_keywords   'STRUCTURAL GENOMICS, UNKNOWN FUNCTION' 
_struct_keywords.text            
;alpha-beta protein., Structural Genomics, PSI, Protein Structure Initiative, Northeast Structural Genomics Consortium, NESG, UNKNOWN FUNCTION
;
# 
loop_
_struct_asym.id 
_struct_asym.pdbx_blank_PDB_chainid_flag 
_struct_asym.pdbx_modified 
_struct_asym.entity_id 
_struct_asym.details 
A N N 1 ? 
B N N 2 ? 
# 
_struct_ref.id                         1 
_struct_ref.db_name                    UNP 
_struct_ref.db_code                    Q99U58_STAAM 
_struct_ref.pdbx_db_accession          Q99U58 
_struct_ref.entity_id                  1 
_struct_ref.pdbx_seq_one_letter_code   
;MKIISISETPNHNTMKITLSESREGMTSDTYTKVDDSQPAFINDILKVEGVKSIFHVMDFISVDKENDANWETVLPKVEA
VFE
;
_struct_ref.pdbx_align_begin           1 
_struct_ref.pdbx_db_isoform            ? 
# 
_struct_ref_seq.align_id                      1 
_struct_ref_seq.ref_id                        1 
_struct_ref_seq.pdbx_PDB_id_code              2FFM 
_struct_ref_seq.pdbx_strand_id                A 
_struct_ref_seq.seq_align_beg                 1 
_struct_ref_seq.pdbx_seq_align_beg_ins_code   ? 
_struct_ref_seq.seq_align_end                 83 
_struct_ref_seq.pdbx_seq_align_end_ins_code   ? 
_struct_ref_seq.pdbx_db_accession             Q99U58 
_struct_ref_seq.db_align_beg                  1 
_struct_ref_seq.pdbx_db_align_beg_ins_code    ? 
_struct_ref_seq.db_align_end                  83 
_struct_ref_seq.pdbx_db_align_end_ins_code    ? 
_struct_ref_seq.pdbx_auth_seq_align_beg       1 
_struct_ref_seq.pdbx_auth_seq_align_end       83 
# 
loop_
_struct_ref_seq_dif.align_id 
_struct_ref_seq_dif.pdbx_pdb_id_code 
_struct_ref_seq_dif.mon_id 
_struct_ref_seq_dif.pdbx_pdb_strand_id 
_struct_ref_seq_dif.seq_num 
_struct_ref_seq_dif.pdbx_pdb_ins_code 
_struct_ref_seq_dif.pdbx_seq_db_name 
_struct_ref_seq_dif.pdbx_seq_db_accession_code 
_struct_ref_seq_dif.db_mon_id 
_struct_ref_seq_dif.pdbx_seq_db_seq_num 
_struct_ref_seq_dif.details 
_struct_ref_seq_dif.pdbx_auth_seq_num 
_struct_ref_seq_dif.pdbx_ordinal 
1 2FFM MSE A 1  ? UNP Q99U58 MET 1  'modified residue' 1  1  
1 2FFM MSE A 15 ? UNP Q99U58 MET 15 'modified residue' 15 2  
1 2FFM MSE A 26 ? UNP Q99U58 MET 26 'modified residue' 26 3  
1 2FFM MSE A 58 ? UNP Q99U58 MET 58 'modified residue' 58 4  
1 2FFM LEU A 84 ? UNP Q99U58 ?   ?  'cloning artifact' 84 5  
1 2FFM GLU A 85 ? UNP Q99U58 ?   ?  'cloning artifact' 85 6  
1 2FFM HIS A 86 ? UNP Q99U58 ?   ?  'expression tag'   86 7  
1 2FFM HIS A 87 ? UNP Q99U58 ?   ?  'expression tag'   87 8  
1 2FFM HIS A 88 ? UNP Q99U58 ?   ?  'expression tag'   88 9  
1 2FFM HIS A 89 ? UNP Q99U58 ?   ?  'expression tag'   89 10 
1 2FFM HIS A 90 ? UNP Q99U58 ?   ?  'expression tag'   90 11 
1 2FFM HIS A 91 ? UNP Q99U58 ?   ?  'expression tag'   91 12 
# 
_pdbx_struct_assembly.id                   1 
_pdbx_struct_assembly.details              author_defined_assembly 
_pdbx_struct_assembly.method_details       ? 
_pdbx_struct_assembly.oligomeric_details   monomeric 
_pdbx_struct_assembly.oligomeric_count     1 
# 
_pdbx_struct_assembly_gen.assembly_id       1 
_pdbx_struct_assembly_gen.oper_expression   1 
_pdbx_struct_assembly_gen.asym_id_list      A,B 
# 
_pdbx_struct_oper_list.id                   1 
_pdbx_struct_oper_list.type                 'identity operation' 
_pdbx_struct_oper_list.name                 1_555 
_pdbx_struct_oper_list.symmetry_operation   x,y,z 
_pdbx_struct_oper_list.matrix[1][1]         1.0000000000 
_pdbx_struct_oper_list.matrix[1][2]         0.0000000000 
_pdbx_struct_oper_list.matrix[1][3]         0.0000000000 
_pdbx_struct_oper_list.vector[1]            0.0000000000 
_pdbx_struct_oper_list.matrix[2][1]         0.0000000000 
_pdbx_struct_oper_list.matrix[2][2]         1.0000000000 
_pdbx_struct_oper_list.matrix[2][3]         0.0000000000 
_pdbx_struct_oper_list.vector[2]            0.0000000000 
_pdbx_struct_oper_list.matrix[3][1]         0.0000000000 
_pdbx_struct_oper_list.matrix[3][2]         0.0000000000 
_pdbx_struct_oper_list.matrix[3][3]         1.0000000000 
_pdbx_struct_oper_list.vector[3]            0.0000000000 
# 
loop_
_struct_conf.conf_type_id 
_struct_conf.id 
_struct_conf.pdbx_PDB_helix_id 
_struct_conf.beg_label_comp_id 
_struct_conf.beg_label_asym_id 
_struct_conf.beg_label_seq_id 
_struct_conf.pdbx_beg_PDB_ins_code 
_struct_conf.end_label_comp_id 
_struct_conf.end_label_asym_id 
_struct_conf.end_label_seq_id 
_struct_conf.pdbx_end_PDB_ins_code 
_struct_conf.beg_auth_comp_id 
_struct_conf.beg_auth_asym_id 
_struct_conf.beg_auth_seq_id 
_struct_conf.end_auth_comp_id 
_struct_conf.end_auth_asym_id 
_struct_conf.end_auth_seq_id 
_struct_conf.pdbx_PDB_helix_class 
_struct_conf.details 
_struct_conf.pdbx_PDB_helix_length 
HELX_P HELX_P1 1 PRO A 39 ? LYS A 47 ? PRO A 39 LYS A 47 1 ? 9  
HELX_P HELX_P2 2 ASN A 70 ? VAL A 81 ? ASN A 70 VAL A 81 1 ? 12 
# 
_struct_conf_type.id          HELX_P 
_struct_conf_type.criteria    ? 
_struct_conf_type.reference   ? 
# 
loop_
_struct_conn.id 
_struct_conn.conn_type_id 
_struct_conn.pdbx_leaving_atom_flag 
_struct_conn.pdbx_PDB_id 
_struct_conn.ptnr1_label_asym_id 
_struct_conn.ptnr1_label_comp_id 
_struct_conn.ptnr1_label_seq_id 
_struct_conn.ptnr1_label_atom_id 
_struct_conn.pdbx_ptnr1_label_alt_id 
_struct_conn.pdbx_ptnr1_PDB_ins_code 
_struct_conn.pdbx_ptnr1_standard_comp_id 
_struct_conn.ptnr1_symmetry 
_struct_conn.ptnr2_label_asym_id 
_struct_conn.ptnr2_label_comp_id 
_struct_conn.ptnr2_label_seq_id 
_struct_conn.ptnr2_label_atom_id 
_struct_conn.pdbx_ptnr2_label_alt_id 
_struct_conn.pdbx_ptnr2_PDB_ins_code 
_struct_conn.ptnr1_auth_asym_id 
_struct_conn.ptnr1_auth_comp_id 
_struct_conn.ptnr1_auth_seq_id 
_struct_conn.ptnr2_auth_asym_id 
_struct_conn.ptnr2_auth_comp_id 
_struct_conn.ptnr2_auth_seq_id 
_struct_conn.ptnr2_symmetry 
_struct_conn.pdbx_ptnr3_label_atom_id 
_struct_conn.pdbx_ptnr3_label_seq_id 
_struct_conn.pdbx_ptnr3_label_comp_id 
_struct_conn.pdbx_ptnr3_label_asym_id 
_struct_conn.pdbx_ptnr3_label_alt_id 
_struct_conn.pdbx_ptnr3_PDB_ins_code 
_struct_conn.details 
_struct_conn.pdbx_dist_value 
_struct_conn.pdbx_value_order 
_struct_conn.pdbx_role 
covale1 covale both ? A MSE 1  C ? ? ? 1_555 A LYS 2  N ? ? A MSE 1  A LYS 2  1_555 ? ? ? ? ? ? ? 1.328 ? ? 
covale2 covale both ? A THR 14 C ? ? ? 1_555 A MSE 15 N ? ? A THR 14 A MSE 15 1_555 ? ? ? ? ? ? ? 1.334 ? ? 
covale3 covale both ? A MSE 15 C ? ? ? 1_555 A LYS 16 N ? ? A MSE 15 A LYS 16 1_555 ? ? ? ? ? ? ? 1.326 ? ? 
covale4 covale both ? A GLY 25 C ? ? ? 1_555 A MSE 26 N ? ? A GLY 25 A MSE 26 1_555 ? ? ? ? ? ? ? 1.327 ? ? 
covale5 covale both ? A MSE 26 C ? ? ? 1_555 A THR 27 N ? ? A MSE 26 A THR 27 1_555 ? ? ? ? ? ? ? 1.329 ? ? 
covale6 covale both ? A VAL 57 C ? ? ? 1_555 A MSE 58 N ? ? A VAL 57 A MSE 58 1_555 ? ? ? ? ? ? ? 1.328 ? ? 
covale7 covale both ? A MSE 58 C ? ? ? 1_555 A ASP 59 N ? ? A MSE 58 A ASP 59 1_555 ? ? ? ? ? ? ? 1.333 ? ? 
# 
_struct_conn_type.id          covale 
_struct_conn_type.criteria    ? 
_struct_conn_type.reference   ? 
# 
loop_
_pdbx_modification_feature.ordinal 
_pdbx_modification_feature.label_comp_id 
_pdbx_modification_feature.label_asym_id 
_pdbx_modification_feature.label_seq_id 
_pdbx_modification_feature.label_alt_id 
_pdbx_modification_feature.modified_residue_label_comp_id 
_pdbx_modification_feature.modified_residue_label_asym_id 
_pdbx_modification_feature.modified_residue_label_seq_id 
_pdbx_modification_feature.modified_residue_label_alt_id 
_pdbx_modification_feature.auth_comp_id 
_pdbx_modification_feature.auth_asym_id 
_pdbx_modification_feature.auth_seq_id 
_pdbx_modification_feature.PDB_ins_code 
_pdbx_modification_feature.symmetry 
_pdbx_modification_feature.modified_residue_auth_comp_id 
_pdbx_modification_feature.modified_residue_auth_asym_id 
_pdbx_modification_feature.modified_residue_auth_seq_id 
_pdbx_modification_feature.modified_residue_PDB_ins_code 
_pdbx_modification_feature.modified_residue_symmetry 
_pdbx_modification_feature.comp_id_linking_atom 
_pdbx_modification_feature.modified_residue_id_linking_atom 
_pdbx_modification_feature.modified_residue_id 
_pdbx_modification_feature.ref_pcm_id 
_pdbx_modification_feature.ref_comp_id 
_pdbx_modification_feature.type 
_pdbx_modification_feature.category 
1 MSE A 1  ? . . . . MSE A 1  ? 1_555 . . . . . . . MET 1 MSE Selenomethionine 'Named protein modification' 
2 MSE A 15 ? . . . . MSE A 15 ? 1_555 . . . . . . . MET 1 MSE Selenomethionine 'Named protein modification' 
3 MSE A 26 ? . . . . MSE A 26 ? 1_555 . . . . . . . MET 1 MSE Selenomethionine 'Named protein modification' 
4 MSE A 58 ? . . . . MSE A 58 ? 1_555 . . . . . . . MET 1 MSE Selenomethionine 'Named protein modification' 
# 
_struct_sheet.id               A 
_struct_sheet.type             ? 
_struct_sheet.number_strands   5 
_struct_sheet.details          ? 
# 
loop_
_struct_sheet_order.sheet_id 
_struct_sheet_order.range_id_1 
_struct_sheet_order.range_id_2 
_struct_sheet_order.offset 
_struct_sheet_order.sense 
A 1 2 ? anti-parallel 
A 2 3 ? anti-parallel 
A 3 4 ? anti-parallel 
A 4 5 ? anti-parallel 
# 
loop_
_struct_sheet_range.sheet_id 
_struct_sheet_range.id 
_struct_sheet_range.beg_label_comp_id 
_struct_sheet_range.beg_label_asym_id 
_struct_sheet_range.beg_label_seq_id 
_struct_sheet_range.pdbx_beg_PDB_ins_code 
_struct_sheet_range.end_label_comp_id 
_struct_sheet_range.end_label_asym_id 
_struct_sheet_range.end_label_seq_id 
_struct_sheet_range.pdbx_end_PDB_ins_code 
_struct_sheet_range.beg_auth_comp_id 
_struct_sheet_range.beg_auth_asym_id 
_struct_sheet_range.beg_auth_seq_id 
_struct_sheet_range.end_auth_comp_id 
_struct_sheet_range.end_auth_asym_id 
_struct_sheet_range.end_auth_seq_id 
A 1 ILE A 3  ? GLU A 8  ? ILE A 3  GLU A 8  
A 2 THR A 14 ? LEU A 19 ? THR A 14 LEU A 19 
A 3 PHE A 60 ? LYS A 65 ? PHE A 60 LYS A 65 
A 4 VAL A 51 ? VAL A 57 ? VAL A 51 VAL A 57 
A 5 ASP A 29 ? TYR A 31 ? ASP A 29 TYR A 31 
# 
loop_
_pdbx_struct_sheet_hbond.sheet_id 
_pdbx_struct_sheet_hbond.range_id_1 
_pdbx_struct_sheet_hbond.range_id_2 
_pdbx_struct_sheet_hbond.range_1_label_atom_id 
_pdbx_struct_sheet_hbond.range_1_label_comp_id 
_pdbx_struct_sheet_hbond.range_1_label_asym_id 
_pdbx_struct_sheet_hbond.range_1_label_seq_id 
_pdbx_struct_sheet_hbond.range_1_PDB_ins_code 
_pdbx_struct_sheet_hbond.range_1_auth_atom_id 
_pdbx_struct_sheet_hbond.range_1_auth_comp_id 
_pdbx_struct_sheet_hbond.range_1_auth_asym_id 
_pdbx_struct_sheet_hbond.range_1_auth_seq_id 
_pdbx_struct_sheet_hbond.range_2_label_atom_id 
_pdbx_struct_sheet_hbond.range_2_label_comp_id 
_pdbx_struct_sheet_hbond.range_2_label_asym_id 
_pdbx_struct_sheet_hbond.range_2_label_seq_id 
_pdbx_struct_sheet_hbond.range_2_PDB_ins_code 
_pdbx_struct_sheet_hbond.range_2_auth_atom_id 
_pdbx_struct_sheet_hbond.range_2_auth_comp_id 
_pdbx_struct_sheet_hbond.range_2_auth_asym_id 
_pdbx_struct_sheet_hbond.range_2_auth_seq_id 
A 1 2 N SER A 5  ? N SER A 5  O THR A 18 ? O THR A 18 
A 2 3 N ILE A 17 ? N ILE A 17 O ILE A 61 ? O ILE A 61 
A 3 4 O ASP A 64 ? O ASP A 64 N LYS A 52 ? N LYS A 52 
A 4 5 O HIS A 56 ? O HIS A 56 N ASP A 29 ? N ASP A 29 
# 
_pdbx_entry_details.entry_id                   2FFM 
_pdbx_entry_details.compound_details           ? 
_pdbx_entry_details.source_details             ? 
_pdbx_entry_details.nonpolymer_details         ? 
_pdbx_entry_details.sequence_details           ? 
_pdbx_entry_details.has_ligand_of_interest     ? 
_pdbx_entry_details.has_protein_modification   Y 
# 
_pdbx_validate_symm_contact.id                1 
_pdbx_validate_symm_contact.PDB_model_num     1 
_pdbx_validate_symm_contact.auth_atom_id_1    O 
_pdbx_validate_symm_contact.auth_asym_id_1    A 
_pdbx_validate_symm_contact.auth_comp_id_1    HOH 
_pdbx_validate_symm_contact.auth_seq_id_1     106 
_pdbx_validate_symm_contact.PDB_ins_code_1    ? 
_pdbx_validate_symm_contact.label_alt_id_1    ? 
_pdbx_validate_symm_contact.site_symmetry_1   1_555 
_pdbx_validate_symm_contact.auth_atom_id_2    O 
_pdbx_validate_symm_contact.auth_asym_id_2    A 
_pdbx_validate_symm_contact.auth_comp_id_2    HOH 
_pdbx_validate_symm_contact.auth_seq_id_2     111 
_pdbx_validate_symm_contact.PDB_ins_code_2    ? 
_pdbx_validate_symm_contact.label_alt_id_2    ? 
_pdbx_validate_symm_contact.site_symmetry_2   5_745 
_pdbx_validate_symm_contact.dist              2.18 
# 
_pdbx_validate_torsion.id              1 
_pdbx_validate_torsion.PDB_model_num   1 
_pdbx_validate_torsion.auth_comp_id    MSE 
_pdbx_validate_torsion.auth_asym_id    A 
_pdbx_validate_torsion.auth_seq_id     58 
_pdbx_validate_torsion.PDB_ins_code    ? 
_pdbx_validate_torsion.label_alt_id    ? 
_pdbx_validate_torsion.phi             62.73 
_pdbx_validate_torsion.psi             -120.93 
# 
_pdbx_SG_project.id                    1 
_pdbx_SG_project.project_name          'PSI, Protein Structure Initiative' 
_pdbx_SG_project.full_name_of_center   'Northeast Structural Genomics Consortium' 
_pdbx_SG_project.initial_of_center     NESG 
# 
loop_
_pdbx_struct_mod_residue.id 
_pdbx_struct_mod_residue.label_asym_id 
_pdbx_struct_mod_residue.label_comp_id 
_pdbx_struct_mod_residue.label_seq_id 
_pdbx_struct_mod_residue.auth_asym_id 
_pdbx_struct_mod_residue.auth_comp_id 
_pdbx_struct_mod_residue.auth_seq_id 
_pdbx_struct_mod_residue.PDB_ins_code 
_pdbx_struct_mod_residue.parent_comp_id 
_pdbx_struct_mod_residue.details 
1 A MSE 1  A MSE 1  ? MET SELENOMETHIONINE 
2 A MSE 15 A MSE 15 ? MET SELENOMETHIONINE 
3 A MSE 26 A MSE 26 ? MET SELENOMETHIONINE 
4 A MSE 58 A MSE 58 ? MET SELENOMETHIONINE 
# 
loop_
_pdbx_unobs_or_zero_occ_residues.id 
_pdbx_unobs_or_zero_occ_residues.PDB_model_num 
_pdbx_unobs_or_zero_occ_residues.polymer_flag 
_pdbx_unobs_or_zero_occ_residues.occupancy_flag 
_pdbx_unobs_or_zero_occ_residues.auth_asym_id 
_pdbx_unobs_or_zero_occ_residues.auth_comp_id 
_pdbx_unobs_or_zero_occ_residues.auth_seq_id 
_pdbx_unobs_or_zero_occ_residues.PDB_ins_code 
_pdbx_unobs_or_zero_occ_residues.label_asym_id 
_pdbx_unobs_or_zero_occ_residues.label_comp_id 
_pdbx_unobs_or_zero_occ_residues.label_seq_id 
1 1 Y 1 A LEU 84 ? A LEU 84 
2 1 Y 1 A GLU 85 ? A GLU 85 
3 1 Y 1 A HIS 86 ? A HIS 86 
4 1 Y 1 A HIS 87 ? A HIS 87 
5 1 Y 1 A HIS 88 ? A HIS 88 
6 1 Y 1 A HIS 89 ? A HIS 89 
7 1 Y 1 A HIS 90 ? A HIS 90 
8 1 Y 1 A HIS 91 ? A HIS 91 
# 
loop_
_chem_comp_atom.comp_id 
_chem_comp_atom.atom_id 
_chem_comp_atom.type_symbol 
_chem_comp_atom.pdbx_aromatic_flag 
_chem_comp_atom.pdbx_stereo_config 
_chem_comp_atom.pdbx_ordinal 
ALA N    N  N N 1   
ALA CA   C  N S 2   
ALA C    C  N N 3   
ALA O    O  N N 4   
ALA CB   C  N N 5   
ALA OXT  O  N N 6   
ALA H    H  N N 7   
ALA H2   H  N N 8   
ALA HA   H  N N 9   
ALA HB1  H  N N 10  
ALA HB2  H  N N 11  
ALA HB3  H  N N 12  
ALA HXT  H  N N 13  
ARG N    N  N N 14  
ARG CA   C  N S 15  
ARG C    C  N N 16  
ARG O    O  N N 17  
ARG CB   C  N N 18  
ARG CG   C  N N 19  
ARG CD   C  N N 20  
ARG NE   N  N N 21  
ARG CZ   C  N N 22  
ARG NH1  N  N N 23  
ARG NH2  N  N N 24  
ARG OXT  O  N N 25  
ARG H    H  N N 26  
ARG H2   H  N N 27  
ARG HA   H  N N 28  
ARG HB2  H  N N 29  
ARG HB3  H  N N 30  
ARG HG2  H  N N 31  
ARG HG3  H  N N 32  
ARG HD2  H  N N 33  
ARG HD3  H  N N 34  
ARG HE   H  N N 35  
ARG HH11 H  N N 36  
ARG HH12 H  N N 37  
ARG HH21 H  N N 38  
ARG HH22 H  N N 39  
ARG HXT  H  N N 40  
ASN N    N  N N 41  
ASN CA   C  N S 42  
ASN C    C  N N 43  
ASN O    O  N N 44  
ASN CB   C  N N 45  
ASN CG   C  N N 46  
ASN OD1  O  N N 47  
ASN ND2  N  N N 48  
ASN OXT  O  N N 49  
ASN H    H  N N 50  
ASN H2   H  N N 51  
ASN HA   H  N N 52  
ASN HB2  H  N N 53  
ASN HB3  H  N N 54  
ASN HD21 H  N N 55  
ASN HD22 H  N N 56  
ASN HXT  H  N N 57  
ASP N    N  N N 58  
ASP CA   C  N S 59  
ASP C    C  N N 60  
ASP O    O  N N 61  
ASP CB   C  N N 62  
ASP CG   C  N N 63  
ASP OD1  O  N N 64  
ASP OD2  O  N N 65  
ASP OXT  O  N N 66  
ASP H    H  N N 67  
ASP H2   H  N N 68  
ASP HA   H  N N 69  
ASP HB2  H  N N 70  
ASP HB3  H  N N 71  
ASP HD2  H  N N 72  
ASP HXT  H  N N 73  
GLN N    N  N N 74  
GLN CA   C  N S 75  
GLN C    C  N N 76  
GLN O    O  N N 77  
GLN CB   C  N N 78  
GLN CG   C  N N 79  
GLN CD   C  N N 80  
GLN OE1  O  N N 81  
GLN NE2  N  N N 82  
GLN OXT  O  N N 83  
GLN H    H  N N 84  
GLN H2   H  N N 85  
GLN HA   H  N N 86  
GLN HB2  H  N N 87  
GLN HB3  H  N N 88  
GLN HG2  H  N N 89  
GLN HG3  H  N N 90  
GLN HE21 H  N N 91  
GLN HE22 H  N N 92  
GLN HXT  H  N N 93  
GLU N    N  N N 94  
GLU CA   C  N S 95  
GLU C    C  N N 96  
GLU O    O  N N 97  
GLU CB   C  N N 98  
GLU CG   C  N N 99  
GLU CD   C  N N 100 
GLU OE1  O  N N 101 
GLU OE2  O  N N 102 
GLU OXT  O  N N 103 
GLU H    H  N N 104 
GLU H2   H  N N 105 
GLU HA   H  N N 106 
GLU HB2  H  N N 107 
GLU HB3  H  N N 108 
GLU HG2  H  N N 109 
GLU HG3  H  N N 110 
GLU HE2  H  N N 111 
GLU HXT  H  N N 112 
GLY N    N  N N 113 
GLY CA   C  N N 114 
GLY C    C  N N 115 
GLY O    O  N N 116 
GLY OXT  O  N N 117 
GLY H    H  N N 118 
GLY H2   H  N N 119 
GLY HA2  H  N N 120 
GLY HA3  H  N N 121 
GLY HXT  H  N N 122 
HIS N    N  N N 123 
HIS CA   C  N S 124 
HIS C    C  N N 125 
HIS O    O  N N 126 
HIS CB   C  N N 127 
HIS CG   C  Y N 128 
HIS ND1  N  Y N 129 
HIS CD2  C  Y N 130 
HIS CE1  C  Y N 131 
HIS NE2  N  Y N 132 
HIS OXT  O  N N 133 
HIS H    H  N N 134 
HIS H2   H  N N 135 
HIS HA   H  N N 136 
HIS HB2  H  N N 137 
HIS HB3  H  N N 138 
HIS HD1  H  N N 139 
HIS HD2  H  N N 140 
HIS HE1  H  N N 141 
HIS HE2  H  N N 142 
HIS HXT  H  N N 143 
HOH O    O  N N 144 
HOH H1   H  N N 145 
HOH H2   H  N N 146 
ILE N    N  N N 147 
ILE CA   C  N S 148 
ILE C    C  N N 149 
ILE O    O  N N 150 
ILE CB   C  N S 151 
ILE CG1  C  N N 152 
ILE CG2  C  N N 153 
ILE CD1  C  N N 154 
ILE OXT  O  N N 155 
ILE H    H  N N 156 
ILE H2   H  N N 157 
ILE HA   H  N N 158 
ILE HB   H  N N 159 
ILE HG12 H  N N 160 
ILE HG13 H  N N 161 
ILE HG21 H  N N 162 
ILE HG22 H  N N 163 
ILE HG23 H  N N 164 
ILE HD11 H  N N 165 
ILE HD12 H  N N 166 
ILE HD13 H  N N 167 
ILE HXT  H  N N 168 
LEU N    N  N N 169 
LEU CA   C  N S 170 
LEU C    C  N N 171 
LEU O    O  N N 172 
LEU CB   C  N N 173 
LEU CG   C  N N 174 
LEU CD1  C  N N 175 
LEU CD2  C  N N 176 
LEU OXT  O  N N 177 
LEU H    H  N N 178 
LEU H2   H  N N 179 
LEU HA   H  N N 180 
LEU HB2  H  N N 181 
LEU HB3  H  N N 182 
LEU HG   H  N N 183 
LEU HD11 H  N N 184 
LEU HD12 H  N N 185 
LEU HD13 H  N N 186 
LEU HD21 H  N N 187 
LEU HD22 H  N N 188 
LEU HD23 H  N N 189 
LEU HXT  H  N N 190 
LYS N    N  N N 191 
LYS CA   C  N S 192 
LYS C    C  N N 193 
LYS O    O  N N 194 
LYS CB   C  N N 195 
LYS CG   C  N N 196 
LYS CD   C  N N 197 
LYS CE   C  N N 198 
LYS NZ   N  N N 199 
LYS OXT  O  N N 200 
LYS H    H  N N 201 
LYS H2   H  N N 202 
LYS HA   H  N N 203 
LYS HB2  H  N N 204 
LYS HB3  H  N N 205 
LYS HG2  H  N N 206 
LYS HG3  H  N N 207 
LYS HD2  H  N N 208 
LYS HD3  H  N N 209 
LYS HE2  H  N N 210 
LYS HE3  H  N N 211 
LYS HZ1  H  N N 212 
LYS HZ2  H  N N 213 
LYS HZ3  H  N N 214 
LYS HXT  H  N N 215 
MET N    N  N N 216 
MET CA   C  N S 217 
MET C    C  N N 218 
MET O    O  N N 219 
MET CB   C  N N 220 
MET CG   C  N N 221 
MET SD   S  N N 222 
MET CE   C  N N 223 
MET OXT  O  N N 224 
MET H    H  N N 225 
MET H2   H  N N 226 
MET HA   H  N N 227 
MET HB2  H  N N 228 
MET HB3  H  N N 229 
MET HG2  H  N N 230 
MET HG3  H  N N 231 
MET HE1  H  N N 232 
MET HE2  H  N N 233 
MET HE3  H  N N 234 
MET HXT  H  N N 235 
MSE N    N  N N 236 
MSE CA   C  N S 237 
MSE C    C  N N 238 
MSE O    O  N N 239 
MSE OXT  O  N N 240 
MSE CB   C  N N 241 
MSE CG   C  N N 242 
MSE SE   SE N N 243 
MSE CE   C  N N 244 
MSE H    H  N N 245 
MSE H2   H  N N 246 
MSE HA   H  N N 247 
MSE HXT  H  N N 248 
MSE HB2  H  N N 249 
MSE HB3  H  N N 250 
MSE HG2  H  N N 251 
MSE HG3  H  N N 252 
MSE HE1  H  N N 253 
MSE HE2  H  N N 254 
MSE HE3  H  N N 255 
PHE N    N  N N 256 
PHE CA   C  N S 257 
PHE C    C  N N 258 
PHE O    O  N N 259 
PHE CB   C  N N 260 
PHE CG   C  Y N 261 
PHE CD1  C  Y N 262 
PHE CD2  C  Y N 263 
PHE CE1  C  Y N 264 
PHE CE2  C  Y N 265 
PHE CZ   C  Y N 266 
PHE OXT  O  N N 267 
PHE H    H  N N 268 
PHE H2   H  N N 269 
PHE HA   H  N N 270 
PHE HB2  H  N N 271 
PHE HB3  H  N N 272 
PHE HD1  H  N N 273 
PHE HD2  H  N N 274 
PHE HE1  H  N N 275 
PHE HE2  H  N N 276 
PHE HZ   H  N N 277 
PHE HXT  H  N N 278 
PRO N    N  N N 279 
PRO CA   C  N S 280 
PRO C    C  N N 281 
PRO O    O  N N 282 
PRO CB   C  N N 283 
PRO CG   C  N N 284 
PRO CD   C  N N 285 
PRO OXT  O  N N 286 
PRO H    H  N N 287 
PRO HA   H  N N 288 
PRO HB2  H  N N 289 
PRO HB3  H  N N 290 
PRO HG2  H  N N 291 
PRO HG3  H  N N 292 
PRO HD2  H  N N 293 
PRO HD3  H  N N 294 
PRO HXT  H  N N 295 
SER N    N  N N 296 
SER CA   C  N S 297 
SER C    C  N N 298 
SER O    O  N N 299 
SER CB   C  N N 300 
SER OG   O  N N 301 
SER OXT  O  N N 302 
SER H    H  N N 303 
SER H2   H  N N 304 
SER HA   H  N N 305 
SER HB2  H  N N 306 
SER HB3  H  N N 307 
SER HG   H  N N 308 
SER HXT  H  N N 309 
THR N    N  N N 310 
THR CA   C  N S 311 
THR C    C  N N 312 
THR O    O  N N 313 
THR CB   C  N R 314 
THR OG1  O  N N 315 
THR CG2  C  N N 316 
THR OXT  O  N N 317 
THR H    H  N N 318 
THR H2   H  N N 319 
THR HA   H  N N 320 
THR HB   H  N N 321 
THR HG1  H  N N 322 
THR HG21 H  N N 323 
THR HG22 H  N N 324 
THR HG23 H  N N 325 
THR HXT  H  N N 326 
TRP N    N  N N 327 
TRP CA   C  N S 328 
TRP C    C  N N 329 
TRP O    O  N N 330 
TRP CB   C  N N 331 
TRP CG   C  Y N 332 
TRP CD1  C  Y N 333 
TRP CD2  C  Y N 334 
TRP NE1  N  Y N 335 
TRP CE2  C  Y N 336 
TRP CE3  C  Y N 337 
TRP CZ2  C  Y N 338 
TRP CZ3  C  Y N 339 
TRP CH2  C  Y N 340 
TRP OXT  O  N N 341 
TRP H    H  N N 342 
TRP H2   H  N N 343 
TRP HA   H  N N 344 
TRP HB2  H  N N 345 
TRP HB3  H  N N 346 
TRP HD1  H  N N 347 
TRP HE1  H  N N 348 
TRP HE3  H  N N 349 
TRP HZ2  H  N N 350 
TRP HZ3  H  N N 351 
TRP HH2  H  N N 352 
TRP HXT  H  N N 353 
TYR N    N  N N 354 
TYR CA   C  N S 355 
TYR C    C  N N 356 
TYR O    O  N N 357 
TYR CB   C  N N 358 
TYR CG   C  Y N 359 
TYR CD1  C  Y N 360 
TYR CD2  C  Y N 361 
TYR CE1  C  Y N 362 
TYR CE2  C  Y N 363 
TYR CZ   C  Y N 364 
TYR OH   O  N N 365 
TYR OXT  O  N N 366 
TYR H    H  N N 367 
TYR H2   H  N N 368 
TYR HA   H  N N 369 
TYR HB2  H  N N 370 
TYR HB3  H  N N 371 
TYR HD1  H  N N 372 
TYR HD2  H  N N 373 
TYR HE1  H  N N 374 
TYR HE2  H  N N 375 
TYR HH   H  N N 376 
TYR HXT  H  N N 377 
VAL N    N  N N 378 
VAL CA   C  N S 379 
VAL C    C  N N 380 
VAL O    O  N N 381 
VAL CB   C  N N 382 
VAL CG1  C  N N 383 
VAL CG2  C  N N 384 
VAL OXT  O  N N 385 
VAL H    H  N N 386 
VAL H2   H  N N 387 
VAL HA   H  N N 388 
VAL HB   H  N N 389 
VAL HG11 H  N N 390 
VAL HG12 H  N N 391 
VAL HG13 H  N N 392 
VAL HG21 H  N N 393 
VAL HG22 H  N N 394 
VAL HG23 H  N N 395 
VAL HXT  H  N N 396 
# 
loop_
_chem_comp_bond.comp_id 
_chem_comp_bond.atom_id_1 
_chem_comp_bond.atom_id_2 
_chem_comp_bond.value_order 
_chem_comp_bond.pdbx_aromatic_flag 
_chem_comp_bond.pdbx_stereo_config 
_chem_comp_bond.pdbx_ordinal 
ALA N   CA   sing N N 1   
ALA N   H    sing N N 2   
ALA N   H2   sing N N 3   
ALA CA  C    sing N N 4   
ALA CA  CB   sing N N 5   
ALA CA  HA   sing N N 6   
ALA C   O    doub N N 7   
ALA C   OXT  sing N N 8   
ALA CB  HB1  sing N N 9   
ALA CB  HB2  sing N N 10  
ALA CB  HB3  sing N N 11  
ALA OXT HXT  sing N N 12  
ARG N   CA   sing N N 13  
ARG N   H    sing N N 14  
ARG N   H2   sing N N 15  
ARG CA  C    sing N N 16  
ARG CA  CB   sing N N 17  
ARG CA  HA   sing N N 18  
ARG C   O    doub N N 19  
ARG C   OXT  sing N N 20  
ARG CB  CG   sing N N 21  
ARG CB  HB2  sing N N 22  
ARG CB  HB3  sing N N 23  
ARG CG  CD   sing N N 24  
ARG CG  HG2  sing N N 25  
ARG CG  HG3  sing N N 26  
ARG CD  NE   sing N N 27  
ARG CD  HD2  sing N N 28  
ARG CD  HD3  sing N N 29  
ARG NE  CZ   sing N N 30  
ARG NE  HE   sing N N 31  
ARG CZ  NH1  sing N N 32  
ARG CZ  NH2  doub N N 33  
ARG NH1 HH11 sing N N 34  
ARG NH1 HH12 sing N N 35  
ARG NH2 HH21 sing N N 36  
ARG NH2 HH22 sing N N 37  
ARG OXT HXT  sing N N 38  
ASN N   CA   sing N N 39  
ASN N   H    sing N N 40  
ASN N   H2   sing N N 41  
ASN CA  C    sing N N 42  
ASN CA  CB   sing N N 43  
ASN CA  HA   sing N N 44  
ASN C   O    doub N N 45  
ASN C   OXT  sing N N 46  
ASN CB  CG   sing N N 47  
ASN CB  HB2  sing N N 48  
ASN CB  HB3  sing N N 49  
ASN CG  OD1  doub N N 50  
ASN CG  ND2  sing N N 51  
ASN ND2 HD21 sing N N 52  
ASN ND2 HD22 sing N N 53  
ASN OXT HXT  sing N N 54  
ASP N   CA   sing N N 55  
ASP N   H    sing N N 56  
ASP N   H2   sing N N 57  
ASP CA  C    sing N N 58  
ASP CA  CB   sing N N 59  
ASP CA  HA   sing N N 60  
ASP C   O    doub N N 61  
ASP C   OXT  sing N N 62  
ASP CB  CG   sing N N 63  
ASP CB  HB2  sing N N 64  
ASP CB  HB3  sing N N 65  
ASP CG  OD1  doub N N 66  
ASP CG  OD2  sing N N 67  
ASP OD2 HD2  sing N N 68  
ASP OXT HXT  sing N N 69  
GLN N   CA   sing N N 70  
GLN N   H    sing N N 71  
GLN N   H2   sing N N 72  
GLN CA  C    sing N N 73  
GLN CA  CB   sing N N 74  
GLN CA  HA   sing N N 75  
GLN C   O    doub N N 76  
GLN C   OXT  sing N N 77  
GLN CB  CG   sing N N 78  
GLN CB  HB2  sing N N 79  
GLN CB  HB3  sing N N 80  
GLN CG  CD   sing N N 81  
GLN CG  HG2  sing N N 82  
GLN CG  HG3  sing N N 83  
GLN CD  OE1  doub N N 84  
GLN CD  NE2  sing N N 85  
GLN NE2 HE21 sing N N 86  
GLN NE2 HE22 sing N N 87  
GLN OXT HXT  sing N N 88  
GLU N   CA   sing N N 89  
GLU N   H    sing N N 90  
GLU N   H2   sing N N 91  
GLU CA  C    sing N N 92  
GLU CA  CB   sing N N 93  
GLU CA  HA   sing N N 94  
GLU C   O    doub N N 95  
GLU C   OXT  sing N N 96  
GLU CB  CG   sing N N 97  
GLU CB  HB2  sing N N 98  
GLU CB  HB3  sing N N 99  
GLU CG  CD   sing N N 100 
GLU CG  HG2  sing N N 101 
GLU CG  HG3  sing N N 102 
GLU CD  OE1  doub N N 103 
GLU CD  OE2  sing N N 104 
GLU OE2 HE2  sing N N 105 
GLU OXT HXT  sing N N 106 
GLY N   CA   sing N N 107 
GLY N   H    sing N N 108 
GLY N   H2   sing N N 109 
GLY CA  C    sing N N 110 
GLY CA  HA2  sing N N 111 
GLY CA  HA3  sing N N 112 
GLY C   O    doub N N 113 
GLY C   OXT  sing N N 114 
GLY OXT HXT  sing N N 115 
HIS N   CA   sing N N 116 
HIS N   H    sing N N 117 
HIS N   H2   sing N N 118 
HIS CA  C    sing N N 119 
HIS CA  CB   sing N N 120 
HIS CA  HA   sing N N 121 
HIS C   O    doub N N 122 
HIS C   OXT  sing N N 123 
HIS CB  CG   sing N N 124 
HIS CB  HB2  sing N N 125 
HIS CB  HB3  sing N N 126 
HIS CG  ND1  sing Y N 127 
HIS CG  CD2  doub Y N 128 
HIS ND1 CE1  doub Y N 129 
HIS ND1 HD1  sing N N 130 
HIS CD2 NE2  sing Y N 131 
HIS CD2 HD2  sing N N 132 
HIS CE1 NE2  sing Y N 133 
HIS CE1 HE1  sing N N 134 
HIS NE2 HE2  sing N N 135 
HIS OXT HXT  sing N N 136 
HOH O   H1   sing N N 137 
HOH O   H2   sing N N 138 
ILE N   CA   sing N N 139 
ILE N   H    sing N N 140 
ILE N   H2   sing N N 141 
ILE CA  C    sing N N 142 
ILE CA  CB   sing N N 143 
ILE CA  HA   sing N N 144 
ILE C   O    doub N N 145 
ILE C   OXT  sing N N 146 
ILE CB  CG1  sing N N 147 
ILE CB  CG2  sing N N 148 
ILE CB  HB   sing N N 149 
ILE CG1 CD1  sing N N 150 
ILE CG1 HG12 sing N N 151 
ILE CG1 HG13 sing N N 152 
ILE CG2 HG21 sing N N 153 
ILE CG2 HG22 sing N N 154 
ILE CG2 HG23 sing N N 155 
ILE CD1 HD11 sing N N 156 
ILE CD1 HD12 sing N N 157 
ILE CD1 HD13 sing N N 158 
ILE OXT HXT  sing N N 159 
LEU N   CA   sing N N 160 
LEU N   H    sing N N 161 
LEU N   H2   sing N N 162 
LEU CA  C    sing N N 163 
LEU CA  CB   sing N N 164 
LEU CA  HA   sing N N 165 
LEU C   O    doub N N 166 
LEU C   OXT  sing N N 167 
LEU CB  CG   sing N N 168 
LEU CB  HB2  sing N N 169 
LEU CB  HB3  sing N N 170 
LEU CG  CD1  sing N N 171 
LEU CG  CD2  sing N N 172 
LEU CG  HG   sing N N 173 
LEU CD1 HD11 sing N N 174 
LEU CD1 HD12 sing N N 175 
LEU CD1 HD13 sing N N 176 
LEU CD2 HD21 sing N N 177 
LEU CD2 HD22 sing N N 178 
LEU CD2 HD23 sing N N 179 
LEU OXT HXT  sing N N 180 
LYS N   CA   sing N N 181 
LYS N   H    sing N N 182 
LYS N   H2   sing N N 183 
LYS CA  C    sing N N 184 
LYS CA  CB   sing N N 185 
LYS CA  HA   sing N N 186 
LYS C   O    doub N N 187 
LYS C   OXT  sing N N 188 
LYS CB  CG   sing N N 189 
LYS CB  HB2  sing N N 190 
LYS CB  HB3  sing N N 191 
LYS CG  CD   sing N N 192 
LYS CG  HG2  sing N N 193 
LYS CG  HG3  sing N N 194 
LYS CD  CE   sing N N 195 
LYS CD  HD2  sing N N 196 
LYS CD  HD3  sing N N 197 
LYS CE  NZ   sing N N 198 
LYS CE  HE2  sing N N 199 
LYS CE  HE3  sing N N 200 
LYS NZ  HZ1  sing N N 201 
LYS NZ  HZ2  sing N N 202 
LYS NZ  HZ3  sing N N 203 
LYS OXT HXT  sing N N 204 
MET N   CA   sing N N 205 
MET N   H    sing N N 206 
MET N   H2   sing N N 207 
MET CA  C    sing N N 208 
MET CA  CB   sing N N 209 
MET CA  HA   sing N N 210 
MET C   O    doub N N 211 
MET C   OXT  sing N N 212 
MET CB  CG   sing N N 213 
MET CB  HB2  sing N N 214 
MET CB  HB3  sing N N 215 
MET CG  SD   sing N N 216 
MET CG  HG2  sing N N 217 
MET CG  HG3  sing N N 218 
MET SD  CE   sing N N 219 
MET CE  HE1  sing N N 220 
MET CE  HE2  sing N N 221 
MET CE  HE3  sing N N 222 
MET OXT HXT  sing N N 223 
MSE N   CA   sing N N 224 
MSE N   H    sing N N 225 
MSE N   H2   sing N N 226 
MSE CA  C    sing N N 227 
MSE CA  CB   sing N N 228 
MSE CA  HA   sing N N 229 
MSE C   O    doub N N 230 
MSE C   OXT  sing N N 231 
MSE OXT HXT  sing N N 232 
MSE CB  CG   sing N N 233 
MSE CB  HB2  sing N N 234 
MSE CB  HB3  sing N N 235 
MSE CG  SE   sing N N 236 
MSE CG  HG2  sing N N 237 
MSE CG  HG3  sing N N 238 
MSE SE  CE   sing N N 239 
MSE CE  HE1  sing N N 240 
MSE CE  HE2  sing N N 241 
MSE CE  HE3  sing N N 242 
PHE N   CA   sing N N 243 
PHE N   H    sing N N 244 
PHE N   H2   sing N N 245 
PHE CA  C    sing N N 246 
PHE CA  CB   sing N N 247 
PHE CA  HA   sing N N 248 
PHE C   O    doub N N 249 
PHE C   OXT  sing N N 250 
PHE CB  CG   sing N N 251 
PHE CB  HB2  sing N N 252 
PHE CB  HB3  sing N N 253 
PHE CG  CD1  doub Y N 254 
PHE CG  CD2  sing Y N 255 
PHE CD1 CE1  sing Y N 256 
PHE CD1 HD1  sing N N 257 
PHE CD2 CE2  doub Y N 258 
PHE CD2 HD2  sing N N 259 
PHE CE1 CZ   doub Y N 260 
PHE CE1 HE1  sing N N 261 
PHE CE2 CZ   sing Y N 262 
PHE CE2 HE2  sing N N 263 
PHE CZ  HZ   sing N N 264 
PHE OXT HXT  sing N N 265 
PRO N   CA   sing N N 266 
PRO N   CD   sing N N 267 
PRO N   H    sing N N 268 
PRO CA  C    sing N N 269 
PRO CA  CB   sing N N 270 
PRO CA  HA   sing N N 271 
PRO C   O    doub N N 272 
PRO C   OXT  sing N N 273 
PRO CB  CG   sing N N 274 
PRO CB  HB2  sing N N 275 
PRO CB  HB3  sing N N 276 
PRO CG  CD   sing N N 277 
PRO CG  HG2  sing N N 278 
PRO CG  HG3  sing N N 279 
PRO CD  HD2  sing N N 280 
PRO CD  HD3  sing N N 281 
PRO OXT HXT  sing N N 282 
SER N   CA   sing N N 283 
SER N   H    sing N N 284 
SER N   H2   sing N N 285 
SER CA  C    sing N N 286 
SER CA  CB   sing N N 287 
SER CA  HA   sing N N 288 
SER C   O    doub N N 289 
SER C   OXT  sing N N 290 
SER CB  OG   sing N N 291 
SER CB  HB2  sing N N 292 
SER CB  HB3  sing N N 293 
SER OG  HG   sing N N 294 
SER OXT HXT  sing N N 295 
THR N   CA   sing N N 296 
THR N   H    sing N N 297 
THR N   H2   sing N N 298 
THR CA  C    sing N N 299 
THR CA  CB   sing N N 300 
THR CA  HA   sing N N 301 
THR C   O    doub N N 302 
THR C   OXT  sing N N 303 
THR CB  OG1  sing N N 304 
THR CB  CG2  sing N N 305 
THR CB  HB   sing N N 306 
THR OG1 HG1  sing N N 307 
THR CG2 HG21 sing N N 308 
THR CG2 HG22 sing N N 309 
THR CG2 HG23 sing N N 310 
THR OXT HXT  sing N N 311 
TRP N   CA   sing N N 312 
TRP N   H    sing N N 313 
TRP N   H2   sing N N 314 
TRP CA  C    sing N N 315 
TRP CA  CB   sing N N 316 
TRP CA  HA   sing N N 317 
TRP C   O    doub N N 318 
TRP C   OXT  sing N N 319 
TRP CB  CG   sing N N 320 
TRP CB  HB2  sing N N 321 
TRP CB  HB3  sing N N 322 
TRP CG  CD1  doub Y N 323 
TRP CG  CD2  sing Y N 324 
TRP CD1 NE1  sing Y N 325 
TRP CD1 HD1  sing N N 326 
TRP CD2 CE2  doub Y N 327 
TRP CD2 CE3  sing Y N 328 
TRP NE1 CE2  sing Y N 329 
TRP NE1 HE1  sing N N 330 
TRP CE2 CZ2  sing Y N 331 
TRP CE3 CZ3  doub Y N 332 
TRP CE3 HE3  sing N N 333 
TRP CZ2 CH2  doub Y N 334 
TRP CZ2 HZ2  sing N N 335 
TRP CZ3 CH2  sing Y N 336 
TRP CZ3 HZ3  sing N N 337 
TRP CH2 HH2  sing N N 338 
TRP OXT HXT  sing N N 339 
TYR N   CA   sing N N 340 
TYR N   H    sing N N 341 
TYR N   H2   sing N N 342 
TYR CA  C    sing N N 343 
TYR CA  CB   sing N N 344 
TYR CA  HA   sing N N 345 
TYR C   O    doub N N 346 
TYR C   OXT  sing N N 347 
TYR CB  CG   sing N N 348 
TYR CB  HB2  sing N N 349 
TYR CB  HB3  sing N N 350 
TYR CG  CD1  doub Y N 351 
TYR CG  CD2  sing Y N 352 
TYR CD1 CE1  sing Y N 353 
TYR CD1 HD1  sing N N 354 
TYR CD2 CE2  doub Y N 355 
TYR CD2 HD2  sing N N 356 
TYR CE1 CZ   doub Y N 357 
TYR CE1 HE1  sing N N 358 
TYR CE2 CZ   sing Y N 359 
TYR CE2 HE2  sing N N 360 
TYR CZ  OH   sing N N 361 
TYR OH  HH   sing N N 362 
TYR OXT HXT  sing N N 363 
VAL N   CA   sing N N 364 
VAL N   H    sing N N 365 
VAL N   H2   sing N N 366 
VAL CA  C    sing N N 367 
VAL CA  CB   sing N N 368 
VAL CA  HA   sing N N 369 
VAL C   O    doub N N 370 
VAL C   OXT  sing N N 371 
VAL CB  CG1  sing N N 372 
VAL CB  CG2  sing N N 373 
VAL CB  HB   sing N N 374 
VAL CG1 HG11 sing N N 375 
VAL CG1 HG12 sing N N 376 
VAL CG1 HG13 sing N N 377 
VAL CG2 HG21 sing N N 378 
VAL CG2 HG22 sing N N 379 
VAL CG2 HG23 sing N N 380 
VAL OXT HXT  sing N N 381 
# 
_atom_sites.entry_id                    2FFM 
_atom_sites.fract_transf_matrix[1][1]   0.01347568 
_atom_sites.fract_transf_matrix[1][2]   0.01660329 
_atom_sites.fract_transf_matrix[1][3]   -0.01266721 
_atom_sites.fract_transf_matrix[2][1]   0.02051560 
_atom_sites.fract_transf_matrix[2][2]   -0.00770697 
_atom_sites.fract_transf_matrix[2][3]   0.01172322 
_atom_sites.fract_transf_matrix[3][1]   0.00127751 
_atom_sites.fract_transf_matrix[3][2]   -0.00550219 
_atom_sites.fract_transf_matrix[3][3]   -0.00585284 
_atom_sites.fract_transf_vector[1]      0.923092 
_atom_sites.fract_transf_vector[2]      0.011879 
_atom_sites.fract_transf_vector[3]      0.109969 
# 
loop_
_atom_type.symbol 
C  
N  
O  
SE 
# 
loop_
_atom_site.group_PDB 
_atom_site.id 
_atom_site.type_symbol 
_atom_site.label_atom_id 
_atom_site.label_alt_id 
_atom_site.label_comp_id 
_atom_site.label_asym_id 
_atom_site.label_entity_id 
_atom_site.label_seq_id 
_atom_site.pdbx_PDB_ins_code 
_atom_site.Cartn_x 
_atom_site.Cartn_y 
_atom_site.Cartn_z 
_atom_site.occupancy 
_atom_site.B_iso_or_equiv 
_atom_site.pdbx_formal_charge 
_atom_site.auth_seq_id 
_atom_site.auth_comp_id 
_atom_site.auth_asym_id 
_atom_site.auth_atom_id 
_atom_site.pdbx_PDB_model_num 
HETATM 1   N  N   . MSE A 1 1  ? 1.547   -0.277  13.839  1.00 66.86 ? 1   MSE A N   1 
HETATM 2   C  CA  . MSE A 1 1  ? 0.782   -1.002  12.786  1.00 66.91 ? 1   MSE A CA  1 
HETATM 3   C  C   . MSE A 1 1  ? 1.629   -2.140  12.232  1.00 64.86 ? 1   MSE A C   1 
HETATM 4   O  O   . MSE A 1 1  ? 2.811   -1.964  11.941  1.00 64.87 ? 1   MSE A O   1 
HETATM 5   C  CB  . MSE A 1 1  ? 0.400   -0.034  11.672  1.00 70.63 ? 1   MSE A CB  1 
HETATM 6   C  CG  . MSE A 1 1  ? -0.625  -0.561  10.697  1.00 73.96 ? 1   MSE A CG  1 
HETATM 7   SE SE  . MSE A 1 1  ? -1.341  0.913   9.708   1.00 80.87 ? 1   MSE A SE  1 
HETATM 8   C  CE  . MSE A 1 1  ? -2.780  1.381   10.909  1.00 78.46 ? 1   MSE A CE  1 
ATOM   9   N  N   . LYS A 1 2  ? 1.009   -3.305  12.080  1.00 62.69 ? 2   LYS A N   1 
ATOM   10  C  CA  . LYS A 1 2  ? 1.704   -4.491  11.599  1.00 59.94 ? 2   LYS A CA  1 
ATOM   11  C  C   . LYS A 1 2  ? 1.027   -5.163  10.408  1.00 58.02 ? 2   LYS A C   1 
ATOM   12  O  O   . LYS A 1 2  ? -0.200  -5.190  10.303  1.00 58.34 ? 2   LYS A O   1 
ATOM   13  C  CB  . LYS A 1 2  ? 1.814   -5.505  12.743  1.00 60.53 ? 2   LYS A CB  1 
ATOM   14  C  CG  . LYS A 1 2  ? 2.557   -6.782  12.391  1.00 60.81 ? 2   LYS A CG  1 
ATOM   15  C  CD  . LYS A 1 2  ? 2.527   -7.799  13.521  1.00 58.63 ? 2   LYS A CD  1 
ATOM   16  C  CE  . LYS A 1 2  ? 1.144   -8.378  13.737  1.00 57.99 ? 2   LYS A CE  1 
ATOM   17  N  NZ  . LYS A 1 2  ? 1.212   -9.577  14.623  1.00 56.56 ? 2   LYS A NZ  1 
ATOM   18  N  N   . ILE A 1 3  ? 1.844   -5.711  9.515   1.00 55.64 ? 3   ILE A N   1 
ATOM   19  C  CA  . ILE A 1 3  ? 1.342   -6.431  8.355   1.00 51.38 ? 3   ILE A CA  1 
ATOM   20  C  C   . ILE A 1 3  ? 1.049   -7.849  8.820   1.00 49.36 ? 3   ILE A C   1 
ATOM   21  O  O   . ILE A 1 3  ? 1.908   -8.495  9.417   1.00 48.81 ? 3   ILE A O   1 
ATOM   22  C  CB  . ILE A 1 3  ? 2.392   -6.519  7.247   1.00 51.45 ? 3   ILE A CB  1 
ATOM   23  C  CG1 . ILE A 1 3  ? 2.764   -5.114  6.775   1.00 50.89 ? 3   ILE A CG1 1 
ATOM   24  C  CG2 . ILE A 1 3  ? 1.866   -7.370  6.108   1.00 50.43 ? 3   ILE A CG2 1 
ATOM   25  C  CD1 . ILE A 1 3  ? 1.575   -4.291  6.351   1.00 53.29 ? 3   ILE A CD1 1 
ATOM   26  N  N   . ILE A 1 4  ? -0.162  -8.326  8.548   1.00 47.24 ? 4   ILE A N   1 
ATOM   27  C  CA  . ILE A 1 4  ? -0.564  -9.672  8.943   1.00 44.93 ? 4   ILE A CA  1 
ATOM   28  C  C   . ILE A 1 4  ? -0.559  -10.641 7.764   1.00 41.23 ? 4   ILE A C   1 
ATOM   29  O  O   . ILE A 1 4  ? -0.550  -11.857 7.957   1.00 41.38 ? 4   ILE A O   1 
ATOM   30  C  CB  . ILE A 1 4  ? -1.975  -9.672  9.581   1.00 47.43 ? 4   ILE A CB  1 
ATOM   31  C  CG1 . ILE A 1 4  ? -2.325  -11.077 10.090  1.00 48.80 ? 4   ILE A CG1 1 
ATOM   32  C  CG2 . ILE A 1 4  ? -3.007  -9.231  8.559   1.00 47.70 ? 4   ILE A CG2 1 
ATOM   33  C  CD1 . ILE A 1 4  ? -3.596  -11.132 10.944  1.00 49.22 ? 4   ILE A CD1 1 
ATOM   34  N  N   . SER A 1 5  ? -0.554  -10.098 6.548   1.00 38.29 ? 5   SER A N   1 
ATOM   35  C  CA  . SER A 1 5  ? -0.569  -10.925 5.340   1.00 35.69 ? 5   SER A CA  1 
ATOM   36  C  C   . SER A 1 5  ? -0.249  -10.169 4.051   1.00 33.71 ? 5   SER A C   1 
ATOM   37  O  O   . SER A 1 5  ? -0.712  -9.052  3.850   1.00 34.63 ? 5   SER A O   1 
ATOM   38  C  CB  . SER A 1 5  ? -1.941  -11.595 5.200   1.00 34.90 ? 5   SER A CB  1 
ATOM   39  O  OG  . SER A 1 5  ? -2.121  -12.136 3.907   1.00 34.69 ? 5   SER A OG  1 
ATOM   40  N  N   . ILE A 1 6  ? 0.549   -10.794 3.189   1.00 31.37 ? 6   ILE A N   1 
ATOM   41  C  CA  . ILE A 1 6  ? 0.936   -10.229 1.897   1.00 31.60 ? 6   ILE A CA  1 
ATOM   42  C  C   . ILE A 1 6  ? 0.600   -11.284 0.851   1.00 32.50 ? 6   ILE A C   1 
ATOM   43  O  O   . ILE A 1 6  ? 1.056   -12.429 0.946   1.00 31.52 ? 6   ILE A O   1 
ATOM   44  C  CB  . ILE A 1 6  ? 2.462   -9.922  1.832   1.00 31.70 ? 6   ILE A CB  1 
ATOM   45  C  CG1 . ILE A 1 6  ? 2.853   -8.984  2.980   1.00 31.03 ? 6   ILE A CG1 1 
ATOM   46  C  CG2 . ILE A 1 6  ? 2.825   -9.289  0.476   1.00 28.93 ? 6   ILE A CG2 1 
ATOM   47  C  CD1 . ILE A 1 6  ? 4.299   -8.560  2.985   1.00 31.43 ? 6   ILE A CD1 1 
ATOM   48  N  N   . SER A 1 7  ? -0.205  -10.924 -0.140  1.00 33.25 ? 7   SER A N   1 
ATOM   49  C  CA  . SER A 1 7  ? -0.583  -11.906 -1.151  1.00 34.11 ? 7   SER A CA  1 
ATOM   50  C  C   . SER A 1 7  ? -0.477  -11.413 -2.577  1.00 34.69 ? 7   SER A C   1 
ATOM   51  O  O   . SER A 1 7  ? -0.120  -10.272 -2.840  1.00 34.67 ? 7   SER A O   1 
ATOM   52  C  CB  . SER A 1 7  ? -2.006  -12.399 -0.894  1.00 31.06 ? 7   SER A CB  1 
ATOM   53  O  OG  . SER A 1 7  ? -2.147  -12.837 0.440   1.00 34.80 ? 7   SER A OG  1 
ATOM   54  N  N   . GLU A 1 8  ? -0.783  -12.315 -3.490  1.00 37.85 ? 8   GLU A N   1 
ATOM   55  C  CA  . GLU A 1 8  ? -0.742  -12.022 -4.897  1.00 40.16 ? 8   GLU A CA  1 
ATOM   56  C  C   . GLU A 1 8  ? -2.173  -11.689 -5.292  1.00 41.28 ? 8   GLU A C   1 
ATOM   57  O  O   . GLU A 1 8  ? -3.128  -12.196 -4.702  1.00 42.02 ? 8   GLU A O   1 
ATOM   58  C  CB  . GLU A 1 8  ? -0.257  -13.250 -5.661  1.00 42.12 ? 8   GLU A CB  1 
ATOM   59  C  CG  . GLU A 1 8  ? 0.327   -12.952 -7.025  1.00 45.63 ? 8   GLU A CG  1 
ATOM   60  C  CD  . GLU A 1 8  ? 1.699   -12.312 -6.940  1.00 46.62 ? 8   GLU A CD  1 
ATOM   61  O  OE1 . GLU A 1 8  ? 2.634   -12.976 -6.425  1.00 44.80 ? 8   GLU A OE1 1 
ATOM   62  O  OE2 . GLU A 1 8  ? 1.837   -11.150 -7.390  1.00 47.86 ? 8   GLU A OE2 1 
ATOM   63  N  N   . THR A 1 9  ? -2.330  -10.835 -6.287  1.00 42.29 ? 9   THR A N   1 
ATOM   64  C  CA  . THR A 1 9  ? -3.661  -10.468 -6.716  1.00 43.18 ? 9   THR A CA  1 
ATOM   65  C  C   . THR A 1 9  ? -3.865  -11.004 -8.133  1.00 43.05 ? 9   THR A C   1 
ATOM   66  O  O   . THR A 1 9  ? -2.908  -11.423 -8.786  1.00 41.75 ? 9   THR A O   1 
ATOM   67  C  CB  . THR A 1 9  ? -3.816  -8.919  -6.676  1.00 43.04 ? 9   THR A CB  1 
ATOM   68  O  OG1 . THR A 1 9  ? -5.159  -8.583  -6.320  1.00 45.03 ? 9   THR A OG1 1 
ATOM   69  C  CG2 . THR A 1 9  ? -3.495  -8.299  -8.028  1.00 40.25 ? 9   THR A CG2 1 
ATOM   70  N  N   . PRO A 1 10 ? -5.115  -11.020 -8.615  1.00 43.97 ? 10  PRO A N   1 
ATOM   71  C  CA  . PRO A 1 10 ? -5.369  -11.513 -9.971  1.00 45.36 ? 10  PRO A CA  1 
ATOM   72  C  C   . PRO A 1 10 ? -4.570  -10.738 -11.019 1.00 46.27 ? 10  PRO A C   1 
ATOM   73  O  O   . PRO A 1 10 ? -4.495  -11.147 -12.171 1.00 47.16 ? 10  PRO A O   1 
ATOM   74  C  CB  . PRO A 1 10 ? -6.880  -11.339 -10.127 1.00 44.35 ? 10  PRO A CB  1 
ATOM   75  C  CG  . PRO A 1 10 ? -7.216  -10.258 -9.129  1.00 45.66 ? 10  PRO A CG  1 
ATOM   76  C  CD  . PRO A 1 10 ? -6.374  -10.641 -7.957  1.00 43.51 ? 10  PRO A CD  1 
ATOM   77  N  N   . ASN A 1 11 ? -3.977  -9.619  -10.614 1.00 46.89 ? 11  ASN A N   1 
ATOM   78  C  CA  . ASN A 1 11 ? -3.173  -8.830  -11.532 1.00 48.15 ? 11  ASN A CA  1 
ATOM   79  C  C   . ASN A 1 11 ? -1.704  -8.864  -11.113 1.00 48.11 ? 11  ASN A C   1 
ATOM   80  O  O   . ASN A 1 11 ? -1.369  -9.281  -10.004 1.00 50.15 ? 11  ASN A O   1 
ATOM   81  C  CB  . ASN A 1 11 ? -3.669  -7.387  -11.595 1.00 49.53 ? 11  ASN A CB  1 
ATOM   82  C  CG  . ASN A 1 11 ? -3.055  -6.627  -12.748 1.00 49.84 ? 11  ASN A CG  1 
ATOM   83  O  OD1 . ASN A 1 11 ? -3.169  -7.048  -13.898 1.00 52.74 ? 11  ASN A OD1 1 
ATOM   84  N  ND2 . ASN A 1 11 ? -2.403  -5.507  -12.453 1.00 48.17 ? 11  ASN A ND2 1 
ATOM   85  N  N   . HIS A 1 12 ? -0.823  -8.410  -11.994 1.00 46.30 ? 12  HIS A N   1 
ATOM   86  C  CA  . HIS A 1 12 ? 0.603   -8.455  -11.702 1.00 45.27 ? 12  HIS A CA  1 
ATOM   87  C  C   . HIS A 1 12 ? 1.211   -7.227  -11.016 1.00 44.24 ? 12  HIS A C   1 
ATOM   88  O  O   . HIS A 1 12 ? 2.100   -7.360  -10.165 1.00 43.80 ? 12  HIS A O   1 
ATOM   89  C  CB  . HIS A 1 12 ? 1.359   -8.768  -13.000 1.00 44.46 ? 12  HIS A CB  1 
ATOM   90  C  CG  . HIS A 1 12 ? 2.848   -8.749  -12.852 1.00 44.56 ? 12  HIS A CG  1 
ATOM   91  N  ND1 . HIS A 1 12 ? 3.633   -7.770  -13.408 1.00 46.41 ? 12  HIS A ND1 1 
ATOM   92  C  CD2 . HIS A 1 12 ? 3.684   -9.568  -12.170 1.00 46.28 ? 12  HIS A CD2 1 
ATOM   93  C  CE1 . HIS A 1 12 ? 4.899   -7.980  -13.073 1.00 48.69 ? 12  HIS A CE1 1 
ATOM   94  N  NE2 . HIS A 1 12 ? 4.954   -9.063  -12.324 1.00 47.09 ? 12  HIS A NE2 1 
ATOM   95  N  N   . ASN A 1 13 ? 0.733   -6.045  -11.389 1.00 41.36 ? 13  ASN A N   1 
ATOM   96  C  CA  . ASN A 1 13 ? 1.229   -4.793  -10.834 1.00 38.95 ? 13  ASN A CA  1 
ATOM   97  C  C   . ASN A 1 13 ? 0.568   -4.399  -9.519  1.00 38.27 ? 13  ASN A C   1 
ATOM   98  O  O   . ASN A 1 13 ? 0.719   -3.267  -9.055  1.00 36.15 ? 13  ASN A O   1 
ATOM   99  C  CB  . ASN A 1 13 ? 1.037   -3.669  -11.847 1.00 37.44 ? 13  ASN A CB  1 
ATOM   100 C  CG  . ASN A 1 13 ? 1.888   -3.858  -13.076 1.00 38.20 ? 13  ASN A CG  1 
ATOM   101 O  OD1 . ASN A 1 13 ? 3.045   -4.264  -12.976 1.00 38.85 ? 13  ASN A OD1 1 
ATOM   102 N  ND2 . ASN A 1 13 ? 1.329   -3.562  -14.245 1.00 37.77 ? 13  ASN A ND2 1 
ATOM   103 N  N   . THR A 1 14 ? -0.152  -5.337  -8.914  1.00 36.82 ? 14  THR A N   1 
ATOM   104 C  CA  . THR A 1 14 ? -0.838  -5.052  -7.672  1.00 34.95 ? 14  THR A CA  1 
ATOM   105 C  C   . THR A 1 14 ? -0.792  -6.212  -6.683  1.00 34.92 ? 14  THR A C   1 
ATOM   106 O  O   . THR A 1 14 ? -0.886  -7.378  -7.068  1.00 34.75 ? 14  THR A O   1 
ATOM   107 C  CB  . THR A 1 14 ? -2.309  -4.614  -7.971  1.00 35.12 ? 14  THR A CB  1 
ATOM   108 O  OG1 . THR A 1 14 ? -3.169  -4.977  -6.887  1.00 35.81 ? 14  THR A OG1 1 
ATOM   109 C  CG2 . THR A 1 14 ? -2.807  -5.216  -9.267  1.00 32.52 ? 14  THR A CG2 1 
HETATM 110 N  N   . MSE A 1 15 ? -0.590  -5.878  -5.407  1.00 33.55 ? 15  MSE A N   1 
HETATM 111 C  CA  . MSE A 1 15 ? -0.540  -6.873  -4.334  1.00 32.43 ? 15  MSE A CA  1 
HETATM 112 C  C   . MSE A 1 15 ? -1.396  -6.434  -3.147  1.00 28.92 ? 15  MSE A C   1 
HETATM 113 O  O   . MSE A 1 15 ? -1.432  -5.259  -2.798  1.00 25.13 ? 15  MSE A O   1 
HETATM 114 C  CB  . MSE A 1 15 ? 0.903   -7.107  -3.878  1.00 37.30 ? 15  MSE A CB  1 
HETATM 115 C  CG  . MSE A 1 15 ? 1.748   -7.856  -4.887  1.00 44.26 ? 15  MSE A CG  1 
HETATM 116 SE SE  . MSE A 1 15 ? 3.352   -8.577  -4.098  1.00 56.20 ? 15  MSE A SE  1 
HETATM 117 C  CE  . MSE A 1 15 ? 2.573   -10.189 -3.383  1.00 48.42 ? 15  MSE A CE  1 
ATOM   118 N  N   . LYS A 1 16 ? -2.087  -7.388  -2.540  1.00 27.96 ? 16  LYS A N   1 
ATOM   119 C  CA  . LYS A 1 16 ? -2.952  -7.102  -1.407  1.00 27.05 ? 16  LYS A CA  1 
ATOM   120 C  C   . LYS A 1 16 ? -2.218  -7.333  -0.089  1.00 27.63 ? 16  LYS A C   1 
ATOM   121 O  O   . LYS A 1 16 ? -1.802  -8.452  0.222   1.00 26.88 ? 16  LYS A O   1 
ATOM   122 C  CB  . LYS A 1 16 ? -4.202  -7.980  -1.474  1.00 26.06 ? 16  LYS A CB  1 
ATOM   123 C  CG  . LYS A 1 16 ? -5.215  -7.713  -0.382  1.00 27.61 ? 16  LYS A CG  1 
ATOM   124 C  CD  . LYS A 1 16 ? -6.426  -8.624  -0.515  1.00 30.62 ? 16  LYS A CD  1 
ATOM   125 C  CE  . LYS A 1 16 ? -7.410  -8.423  0.633   1.00 31.93 ? 16  LYS A CE  1 
ATOM   126 N  NZ  . LYS A 1 16 ? -8.595  -9.326  0.542   1.00 33.91 ? 16  LYS A NZ  1 
ATOM   127 N  N   . ILE A 1 17 ? -2.055  -6.253  0.669   1.00 27.02 ? 17  ILE A N   1 
ATOM   128 C  CA  . ILE A 1 17 ? -1.389  -6.279  1.958   1.00 26.77 ? 17  ILE A CA  1 
ATOM   129 C  C   . ILE A 1 17 ? -2.445  -6.094  3.046   1.00 30.18 ? 17  ILE A C   1 
ATOM   130 O  O   . ILE A 1 17 ? -3.089  -5.048  3.122   1.00 31.71 ? 17  ILE A O   1 
ATOM   131 C  CB  . ILE A 1 17 ? -0.358  -5.143  2.043   1.00 26.23 ? 17  ILE A CB  1 
ATOM   132 C  CG1 . ILE A 1 17 ? 0.655   -5.297  0.911   1.00 26.19 ? 17  ILE A CG1 1 
ATOM   133 C  CG2 . ILE A 1 17 ? 0.350   -5.157  3.405   1.00 25.51 ? 17  ILE A CG2 1 
ATOM   134 C  CD1 . ILE A 1 17 ? 1.673   -4.170  0.831   1.00 23.80 ? 17  ILE A CD1 1 
ATOM   135 N  N   . THR A 1 18 ? -2.638  -7.110  3.879   1.00 32.02 ? 18  THR A N   1 
ATOM   136 C  CA  . THR A 1 18 ? -3.624  -7.016  4.948   1.00 35.71 ? 18  THR A CA  1 
ATOM   137 C  C   . THR A 1 18 ? -2.976  -6.525  6.246   1.00 38.10 ? 18  THR A C   1 
ATOM   138 O  O   . THR A 1 18 ? -1.992  -7.090  6.710   1.00 35.74 ? 18  THR A O   1 
ATOM   139 C  CB  . THR A 1 18 ? -4.302  -8.374  5.184   1.00 35.65 ? 18  THR A CB  1 
ATOM   140 O  OG1 . THR A 1 18 ? -4.864  -8.842  3.952   1.00 39.04 ? 18  THR A OG1 1 
ATOM   141 C  CG2 . THR A 1 18 ? -5.410  -8.242  6.205   1.00 36.87 ? 18  THR A CG2 1 
ATOM   142 N  N   . LEU A 1 19 ? -3.528  -5.460  6.819   1.00 42.56 ? 19  LEU A N   1 
ATOM   143 C  CA  . LEU A 1 19 ? -3.001  -4.896  8.056   1.00 45.42 ? 19  LEU A CA  1 
ATOM   144 C  C   . LEU A 1 19 ? -3.815  -5.349  9.265   1.00 48.20 ? 19  LEU A C   1 
ATOM   145 O  O   . LEU A 1 19 ? -4.922  -5.871  9.122   1.00 47.89 ? 19  LEU A O   1 
ATOM   146 C  CB  . LEU A 1 19 ? -2.988  -3.367  7.976   1.00 45.83 ? 19  LEU A CB  1 
ATOM   147 C  CG  . LEU A 1 19 ? -2.280  -2.807  6.737   1.00 46.47 ? 19  LEU A CG  1 
ATOM   148 C  CD1 . LEU A 1 19 ? -3.259  -2.809  5.582   1.00 49.56 ? 19  LEU A CD1 1 
ATOM   149 C  CD2 . LEU A 1 19 ? -1.777  -1.399  6.978   1.00 47.58 ? 19  LEU A CD2 1 
ATOM   150 N  N   . SER A 1 20 ? -3.257  -5.154  10.455  1.00 52.06 ? 20  SER A N   1 
ATOM   151 C  CA  . SER A 1 20 ? -3.933  -5.548  11.686  1.00 54.69 ? 20  SER A CA  1 
ATOM   152 C  C   . SER A 1 20 ? -5.034  -4.551  12.036  1.00 56.71 ? 20  SER A C   1 
ATOM   153 O  O   . SER A 1 20 ? -6.190  -4.933  12.259  1.00 56.06 ? 20  SER A O   1 
ATOM   154 C  CB  . SER A 1 20 ? -2.919  -5.658  12.839  1.00 55.23 ? 20  SER A CB  1 
ATOM   155 O  OG  . SER A 1 20 ? -2.071  -4.519  12.935  1.00 53.28 ? 20  SER A OG  1 
ATOM   156 N  N   . GLU A 1 21 ? -4.663  -3.273  12.064  1.00 58.16 ? 21  GLU A N   1 
ATOM   157 C  CA  . GLU A 1 21 ? -5.592  -2.192  12.379  1.00 59.19 ? 21  GLU A CA  1 
ATOM   158 C  C   . GLU A 1 21 ? -6.539  -1.957  11.201  1.00 58.57 ? 21  GLU A C   1 
ATOM   159 O  O   . GLU A 1 21 ? -6.106  -1.603  10.103  1.00 56.92 ? 21  GLU A O   1 
ATOM   160 C  CB  . GLU A 1 21 ? -4.809  -0.913  12.693  1.00 61.14 ? 21  GLU A CB  1 
ATOM   161 C  CG  . GLU A 1 21 ? -5.504  0.019   13.664  1.00 65.47 ? 21  GLU A CG  1 
ATOM   162 C  CD  . GLU A 1 21 ? -4.627  1.187   14.080  1.00 68.47 ? 21  GLU A CD  1 
ATOM   163 O  OE1 . GLU A 1 21 ? -3.496  0.945   14.561  1.00 69.91 ? 21  GLU A OE1 1 
ATOM   164 O  OE2 . GLU A 1 21 ? -5.068  2.350   13.932  1.00 70.42 ? 21  GLU A OE2 1 
ATOM   165 N  N   . SER A 1 22 ? -7.832  -2.164  11.442  1.00 58.15 ? 22  SER A N   1 
ATOM   166 C  CA  . SER A 1 22 ? -8.862  -1.996  10.421  1.00 56.33 ? 22  SER A CA  1 
ATOM   167 C  C   . SER A 1 22 ? -9.321  -0.542  10.311  1.00 55.31 ? 22  SER A C   1 
ATOM   168 O  O   . SER A 1 22 ? -9.091  0.259   11.219  1.00 54.31 ? 22  SER A O   1 
ATOM   169 C  CB  . SER A 1 22 ? -10.056 -2.900  10.742  1.00 56.32 ? 22  SER A CB  1 
ATOM   170 O  OG  . SER A 1 22 ? -10.988 -2.913  9.682   1.00 54.16 ? 22  SER A OG  1 
ATOM   171 N  N   . ARG A 1 23 ? -9.966  -0.207  9.194   1.00 53.84 ? 23  ARG A N   1 
ATOM   172 C  CA  . ARG A 1 23 ? -10.459 1.150   8.942   1.00 51.96 ? 23  ARG A CA  1 
ATOM   173 C  C   . ARG A 1 23 ? -11.793 1.391   9.658   1.00 50.96 ? 23  ARG A C   1 
ATOM   174 O  O   . ARG A 1 23 ? -12.633 0.492   9.749   1.00 49.58 ? 23  ARG A O   1 
ATOM   175 C  CB  . ARG A 1 23 ? -10.622 1.345   7.436   1.00 50.53 ? 23  ARG A CB  1 
ATOM   176 C  CG  . ARG A 1 23 ? -10.177 2.690   6.922   1.00 50.23 ? 23  ARG A CG  1 
ATOM   177 C  CD  . ARG A 1 23 ? -9.792  2.581   5.453   1.00 49.64 ? 23  ARG A CD  1 
ATOM   178 N  NE  . ARG A 1 23 ? -9.372  3.859   4.890   1.00 49.54 ? 23  ARG A NE  1 
ATOM   179 C  CZ  . ARG A 1 23 ? -10.197 4.863   4.620   1.00 50.81 ? 23  ARG A CZ  1 
ATOM   180 N  NH1 . ARG A 1 23 ? -11.497 4.740   4.858   1.00 52.43 ? 23  ARG A NH1 1 
ATOM   181 N  NH2 . ARG A 1 23 ? -9.719  5.994   4.118   1.00 49.89 ? 23  ARG A NH2 1 
ATOM   182 N  N   . GLU A 1 24 ? -11.986 2.600   10.172  1.00 50.58 ? 24  GLU A N   1 
ATOM   183 C  CA  . GLU A 1 24 ? -13.218 2.937   10.889  1.00 50.58 ? 24  GLU A CA  1 
ATOM   184 C  C   . GLU A 1 24 ? -14.430 3.056   9.970   1.00 48.78 ? 24  GLU A C   1 
ATOM   185 O  O   . GLU A 1 24 ? -15.499 2.520   10.272  1.00 47.61 ? 24  GLU A O   1 
ATOM   186 C  CB  . GLU A 1 24 ? -13.038 4.238   11.668  1.00 51.44 ? 24  GLU A CB  1 
ATOM   187 C  CG  . GLU A 1 24 ? -14.250 4.647   12.482  1.00 53.98 ? 24  GLU A CG  1 
ATOM   188 C  CD  . GLU A 1 24 ? -13.919 5.701   13.521  1.00 57.33 ? 24  GLU A CD  1 
ATOM   189 O  OE1 . GLU A 1 24 ? -14.866 6.224   14.155  1.00 58.24 ? 24  GLU A OE1 1 
ATOM   190 O  OE2 . GLU A 1 24 ? -12.716 6.004   13.709  1.00 57.83 ? 24  GLU A OE2 1 
ATOM   191 N  N   . GLY A 1 25 ? -14.255 3.764   8.857   1.00 46.44 ? 25  GLY A N   1 
ATOM   192 C  CA  . GLY A 1 25 ? -15.332 3.928   7.901   1.00 43.14 ? 25  GLY A CA  1 
ATOM   193 C  C   . GLY A 1 25 ? -15.424 2.736   6.973   1.00 41.60 ? 25  GLY A C   1 
ATOM   194 O  O   . GLY A 1 25 ? -14.484 1.950   6.857   1.00 40.79 ? 25  GLY A O   1 
HETATM 195 N  N   . MSE A 1 26 ? -16.565 2.591   6.311   1.00 42.28 ? 26  MSE A N   1 
HETATM 196 C  CA  . MSE A 1 26 ? -16.772 1.480   5.386   1.00 42.41 ? 26  MSE A CA  1 
HETATM 197 C  C   . MSE A 1 26 ? -16.394 1.862   3.957   1.00 40.10 ? 26  MSE A C   1 
HETATM 198 O  O   . MSE A 1 26 ? -16.347 1.006   3.071   1.00 39.63 ? 26  MSE A O   1 
HETATM 199 C  CB  . MSE A 1 26 ? -18.233 1.035   5.405   1.00 45.88 ? 26  MSE A CB  1 
HETATM 200 C  CG  . MSE A 1 26 ? -18.785 0.662   6.764   1.00 51.15 ? 26  MSE A CG  1 
HETATM 201 SE SE  . MSE A 1 26 ? -17.717 -0.604  7.729   1.00 64.59 ? 26  MSE A SE  1 
HETATM 202 C  CE  . MSE A 1 26 ? -17.418 -1.931  6.339   1.00 58.48 ? 26  MSE A CE  1 
ATOM   203 N  N   . THR A 1 27 ? -16.131 3.145   3.733   1.00 37.18 ? 27  THR A N   1 
ATOM   204 C  CA  . THR A 1 27 ? -15.771 3.602   2.402   1.00 37.10 ? 27  THR A CA  1 
ATOM   205 C  C   . THR A 1 27 ? -14.301 3.349   2.113   1.00 37.35 ? 27  THR A C   1 
ATOM   206 O  O   . THR A 1 27 ? -13.510 3.067   3.016   1.00 39.01 ? 27  THR A O   1 
ATOM   207 C  CB  . THR A 1 27 ? -16.076 5.116   2.195   1.00 36.68 ? 27  THR A CB  1 
ATOM   208 O  OG1 . THR A 1 27 ? -15.264 5.912   3.068   1.00 36.01 ? 27  THR A OG1 1 
ATOM   209 C  CG2 . THR A 1 27 ? -17.544 5.399   2.446   1.00 34.33 ? 27  THR A CG2 1 
ATOM   210 N  N   . SER A 1 28 ? -13.940 3.448   0.841   1.00 36.20 ? 28  SER A N   1 
ATOM   211 C  CA  . SER A 1 28 ? -12.574 3.226   0.426   1.00 34.52 ? 28  SER A CA  1 
ATOM   212 C  C   . SER A 1 28 ? -11.950 4.548   0.021   1.00 36.41 ? 28  SER A C   1 
ATOM   213 O  O   . SER A 1 28 ? -12.642 5.563   -0.091  1.00 37.16 ? 28  SER A O   1 
ATOM   214 C  CB  . SER A 1 28 ? -12.535 2.260   -0.753  1.00 32.72 ? 28  SER A CB  1 
ATOM   215 O  OG  . SER A 1 28 ? -12.951 2.907   -1.942  1.00 29.20 ? 28  SER A OG  1 
ATOM   216 N  N   . ASP A 1 29 ? -10.635 4.519   -0.187  1.00 36.53 ? 29  ASP A N   1 
ATOM   217 C  CA  . ASP A 1 29 ? -9.855  5.684   -0.593  1.00 37.04 ? 29  ASP A CA  1 
ATOM   218 C  C   . ASP A 1 29 ? -8.714  5.222   -1.496  1.00 36.93 ? 29  ASP A C   1 
ATOM   219 O  O   . ASP A 1 29 ? -8.068  4.218   -1.218  1.00 37.23 ? 29  ASP A O   1 
ATOM   220 C  CB  . ASP A 1 29 ? -9.263  6.389   0.630   1.00 38.25 ? 29  ASP A CB  1 
ATOM   221 C  CG  . ASP A 1 29 ? -10.223 7.381   1.268   1.00 38.58 ? 29  ASP A CG  1 
ATOM   222 O  OD1 . ASP A 1 29 ? -10.328 8.528   0.776   1.00 37.63 ? 29  ASP A OD1 1 
ATOM   223 O  OD2 . ASP A 1 29 ? -10.868 7.009   2.269   1.00 37.90 ? 29  ASP A OD2 1 
ATOM   224 N  N   . THR A 1 30 ? -8.479  5.957   -2.577  1.00 35.68 ? 30  THR A N   1 
ATOM   225 C  CA  . THR A 1 30 ? -7.408  5.641   -3.510  1.00 34.86 ? 30  THR A CA  1 
ATOM   226 C  C   . THR A 1 30 ? -6.469  6.837   -3.526  1.00 34.79 ? 30  THR A C   1 
ATOM   227 O  O   . THR A 1 30 ? -6.839  7.928   -3.964  1.00 33.36 ? 30  THR A O   1 
ATOM   228 C  CB  . THR A 1 30 ? -7.939  5.397   -4.936  1.00 35.04 ? 30  THR A CB  1 
ATOM   229 O  OG1 . THR A 1 30 ? -8.946  4.383   -4.895  1.00 37.21 ? 30  THR A OG1 1 
ATOM   230 C  CG2 . THR A 1 30 ? -6.813  4.942   -5.859  1.00 33.36 ? 30  THR A CG2 1 
ATOM   231 N  N   . TYR A 1 31 ? -5.254  6.626   -3.033  1.00 33.15 ? 31  TYR A N   1 
ATOM   232 C  CA  . TYR A 1 31 ? -4.263  7.683   -2.970  1.00 32.30 ? 31  TYR A CA  1 
ATOM   233 C  C   . TYR A 1 31 ? -3.229  7.510   -4.056  1.00 33.47 ? 31  TYR A C   1 
ATOM   234 O  O   . TYR A 1 31 ? -2.585  6.469   -4.150  1.00 33.51 ? 31  TYR A O   1 
ATOM   235 C  CB  . TYR A 1 31 ? -3.577  7.670   -1.615  1.00 31.80 ? 31  TYR A CB  1 
ATOM   236 C  CG  . TYR A 1 31 ? -4.529  7.531   -0.457  1.00 31.09 ? 31  TYR A CG  1 
ATOM   237 C  CD1 . TYR A 1 31 ? -4.655  6.319   0.216   1.00 29.77 ? 31  TYR A CD1 1 
ATOM   238 C  CD2 . TYR A 1 31 ? -5.259  8.631   0.003   1.00 31.56 ? 31  TYR A CD2 1 
ATOM   239 C  CE1 . TYR A 1 31 ? -5.472  6.197   1.335   1.00 32.76 ? 31  TYR A CE1 1 
ATOM   240 C  CE2 . TYR A 1 31 ? -6.085  8.529   1.121   1.00 34.16 ? 31  TYR A CE2 1 
ATOM   241 C  CZ  . TYR A 1 31 ? -6.183  7.307   1.786   1.00 34.45 ? 31  TYR A CZ  1 
ATOM   242 O  OH  . TYR A 1 31 ? -6.955  7.213   2.918   1.00 34.68 ? 31  TYR A OH  1 
ATOM   243 N  N   . THR A 1 32 ? -3.065  8.545   -4.872  1.00 36.10 ? 32  THR A N   1 
ATOM   244 C  CA  . THR A 1 32 ? -2.106  8.506   -5.966  1.00 37.54 ? 32  THR A CA  1 
ATOM   245 C  C   . THR A 1 32 ? -0.915  9.430   -5.731  1.00 38.23 ? 32  THR A C   1 
ATOM   246 O  O   . THR A 1 32 ? 0.122   9.285   -6.374  1.00 37.73 ? 32  THR A O   1 
ATOM   247 C  CB  . THR A 1 32 ? -2.785  8.879   -7.311  1.00 37.43 ? 32  THR A CB  1 
ATOM   248 O  OG1 . THR A 1 32 ? -3.364  10.181  -7.198  1.00 39.30 ? 32  THR A OG1 1 
ATOM   249 C  CG2 . THR A 1 32 ? -3.870  7.874   -7.661  1.00 33.95 ? 32  THR A CG2 1 
ATOM   250 N  N   . LYS A 1 33 ? -1.068  10.372  -4.806  1.00 39.53 ? 33  LYS A N   1 
ATOM   251 C  CA  . LYS A 1 33 ? -0.008  11.331  -4.491  1.00 42.07 ? 33  LYS A CA  1 
ATOM   252 C  C   . LYS A 1 33 ? -0.003  11.689  -3.004  1.00 42.93 ? 33  LYS A C   1 
ATOM   253 O  O   . LYS A 1 33 ? -1.033  11.611  -2.339  1.00 43.99 ? 33  LYS A O   1 
ATOM   254 C  CB  . LYS A 1 33 ? -0.192  12.607  -5.319  1.00 43.01 ? 33  LYS A CB  1 
ATOM   255 C  CG  . LYS A 1 33 ? -1.586  13.245  -5.210  1.00 45.27 ? 33  LYS A CG  1 
ATOM   256 C  CD  . LYS A 1 33 ? -1.700  14.525  -6.061  1.00 45.96 ? 33  LYS A CD  1 
ATOM   257 C  CE  . LYS A 1 33 ? -3.138  15.066  -6.130  1.00 45.73 ? 33  LYS A CE  1 
ATOM   258 N  NZ  . LYS A 1 33 ? -4.103  14.139  -6.816  1.00 44.11 ? 33  LYS A NZ  1 
ATOM   259 N  N   . VAL A 1 34 ? 1.151   12.098  -2.487  1.00 42.43 ? 34  VAL A N   1 
ATOM   260 C  CA  . VAL A 1 34 ? 1.248   12.444  -1.075  1.00 43.05 ? 34  VAL A CA  1 
ATOM   261 C  C   . VAL A 1 34 ? 0.809   13.871  -0.754  1.00 43.82 ? 34  VAL A C   1 
ATOM   262 O  O   . VAL A 1 34 ? 1.002   14.792  -1.555  1.00 44.83 ? 34  VAL A O   1 
ATOM   263 C  CB  . VAL A 1 34 ? 2.689   12.266  -0.550  1.00 42.84 ? 34  VAL A CB  1 
ATOM   264 C  CG1 . VAL A 1 34 ? 3.239   10.914  -0.984  1.00 43.78 ? 34  VAL A CG1 1 
ATOM   265 C  CG2 . VAL A 1 34 ? 3.573   13.385  -1.045  1.00 42.78 ? 34  VAL A CG2 1 
ATOM   266 N  N   . ASP A 1 35 ? 0.194   14.032  0.417   1.00 41.90 ? 35  ASP A N   1 
ATOM   267 C  CA  . ASP A 1 35 ? -0.231  15.334  0.921   1.00 41.40 ? 35  ASP A CA  1 
ATOM   268 C  C   . ASP A 1 35 ? -0.659  15.209  2.375   1.00 41.18 ? 35  ASP A C   1 
ATOM   269 O  O   . ASP A 1 35 ? -1.109  14.159  2.822   1.00 40.60 ? 35  ASP A O   1 
ATOM   270 C  CB  . ASP A 1 35 ? -1.348  15.958  0.075   1.00 42.75 ? 35  ASP A CB  1 
ATOM   271 C  CG  . ASP A 1 35 ? -2.673  15.281  0.257   1.00 43.15 ? 35  ASP A CG  1 
ATOM   272 O  OD1 . ASP A 1 35 ? -3.700  15.996  0.323   1.00 41.79 ? 35  ASP A OD1 1 
ATOM   273 O  OD2 . ASP A 1 35 ? -2.689  14.038  0.317   1.00 44.45 ? 35  ASP A OD2 1 
ATOM   274 N  N   . ASP A 1 36 ? -0.499  16.304  3.103   1.00 42.36 ? 36  ASP A N   1 
ATOM   275 C  CA  . ASP A 1 36 ? -0.793  16.367  4.526   1.00 42.24 ? 36  ASP A CA  1 
ATOM   276 C  C   . ASP A 1 36 ? -2.125  15.800  5.043   1.00 40.45 ? 36  ASP A C   1 
ATOM   277 O  O   . ASP A 1 36 ? -2.215  15.444  6.215   1.00 41.09 ? 36  ASP A O   1 
ATOM   278 C  CB  . ASP A 1 36 ? -0.646  17.814  4.985   1.00 45.84 ? 36  ASP A CB  1 
ATOM   279 C  CG  . ASP A 1 36 ? -1.633  18.735  4.304   1.00 48.25 ? 36  ASP A CG  1 
ATOM   280 O  OD1 . ASP A 1 36 ? -1.561  18.872  3.065   1.00 52.50 ? 36  ASP A OD1 1 
ATOM   281 O  OD2 . ASP A 1 36 ? -2.486  19.313  5.007   1.00 50.84 ? 36  ASP A OD2 1 
ATOM   282 N  N   . SER A 1 37 ? -3.151  15.711  4.199   1.00 36.92 ? 37  SER A N   1 
ATOM   283 C  CA  . SER A 1 37 ? -4.438  15.193  4.652   1.00 35.08 ? 37  SER A CA  1 
ATOM   284 C  C   . SER A 1 37 ? -4.462  13.676  4.846   1.00 33.57 ? 37  SER A C   1 
ATOM   285 O  O   . SER A 1 37 ? -5.126  13.173  5.755   1.00 35.69 ? 37  SER A O   1 
ATOM   286 C  CB  . SER A 1 37 ? -5.566  15.604  3.693   1.00 34.45 ? 37  SER A CB  1 
ATOM   287 O  OG  . SER A 1 37 ? -5.405  15.032  2.411   1.00 35.24 ? 37  SER A OG  1 
ATOM   288 N  N   . GLN A 1 38 ? -3.737  12.946  4.008   1.00 30.68 ? 38  GLN A N   1 
ATOM   289 C  CA  . GLN A 1 38 ? -3.700  11.489  4.097   1.00 29.03 ? 38  GLN A CA  1 
ATOM   290 C  C   . GLN A 1 38 ? -2.970  10.992  5.339   1.00 26.40 ? 38  GLN A C   1 
ATOM   291 O  O   . GLN A 1 38 ? -2.274  11.755  6.008   1.00 27.72 ? 38  GLN A O   1 
ATOM   292 C  CB  . GLN A 1 38 ? -3.007  10.922  2.854   1.00 27.55 ? 38  GLN A CB  1 
ATOM   293 C  CG  . GLN A 1 38 ? -3.598  11.435  1.575   1.00 29.36 ? 38  GLN A CG  1 
ATOM   294 C  CD  . GLN A 1 38 ? -2.753  11.095  0.384   1.00 31.07 ? 38  GLN A CD  1 
ATOM   295 O  OE1 . GLN A 1 38 ? -1.525  11.037  0.475   1.00 31.13 ? 38  GLN A OE1 1 
ATOM   296 N  NE2 . GLN A 1 38 ? -3.400  10.893  -0.757  1.00 28.62 ? 38  GLN A NE2 1 
ATOM   297 N  N   . PRO A 1 39 ? -3.145  9.705   5.679   1.00 24.46 ? 39  PRO A N   1 
ATOM   298 C  CA  . PRO A 1 39 ? -2.444  9.183   6.857   1.00 25.55 ? 39  PRO A CA  1 
ATOM   299 C  C   . PRO A 1 39 ? -0.926  9.200   6.575   1.00 22.91 ? 39  PRO A C   1 
ATOM   300 O  O   . PRO A 1 39 ? -0.507  9.116   5.423   1.00 21.89 ? 39  PRO A O   1 
ATOM   301 C  CB  . PRO A 1 39 ? -2.991  7.758   6.981   1.00 24.87 ? 39  PRO A CB  1 
ATOM   302 C  CG  . PRO A 1 39 ? -4.360  7.871   6.399   1.00 22.71 ? 39  PRO A CG  1 
ATOM   303 C  CD  . PRO A 1 39 ? -4.132  8.727   5.183   1.00 23.17 ? 39  PRO A CD  1 
ATOM   304 N  N   . ALA A 1 40 ? -0.115  9.299   7.621   1.00 22.56 ? 40  ALA A N   1 
ATOM   305 C  CA  . ALA A 1 40 ? 1.335   9.346   7.453   1.00 22.51 ? 40  ALA A CA  1 
ATOM   306 C  C   . ALA A 1 40 ? 1.914   8.112   6.794   1.00 22.92 ? 40  ALA A C   1 
ATOM   307 O  O   . ALA A 1 40 ? 2.703   8.225   5.848   1.00 24.51 ? 40  ALA A O   1 
ATOM   308 C  CB  . ALA A 1 40 ? 2.018   9.568   8.792   1.00 22.30 ? 40  ALA A CB  1 
ATOM   309 N  N   . PHE A 1 41 ? 1.546   6.931   7.283   1.00 21.90 ? 41  PHE A N   1 
ATOM   310 C  CA  . PHE A 1 41 ? 2.104   5.727   6.691   1.00 23.63 ? 41  PHE A CA  1 
ATOM   311 C  C   . PHE A 1 41 ? 1.753   5.684   5.202   1.00 23.53 ? 41  PHE A C   1 
ATOM   312 O  O   . PHE A 1 41 ? 2.535   5.182   4.395   1.00 24.92 ? 41  PHE A O   1 
ATOM   313 C  CB  . PHE A 1 41 ? 1.641   4.460   7.446   1.00 23.49 ? 41  PHE A CB  1 
ATOM   314 C  CG  . PHE A 1 41 ? 0.278   3.992   7.081   1.00 23.45 ? 41  PHE A CG  1 
ATOM   315 C  CD1 . PHE A 1 41 ? -0.845  4.492   7.735   1.00 24.62 ? 41  PHE A CD1 1 
ATOM   316 C  CD2 . PHE A 1 41 ? 0.114   3.072   6.050   1.00 22.53 ? 41  PHE A CD2 1 
ATOM   317 C  CE1 . PHE A 1 41 ? -2.125  4.074   7.372   1.00 24.76 ? 41  PHE A CE1 1 
ATOM   318 C  CE2 . PHE A 1 41 ? -1.153  2.643   5.671   1.00 23.31 ? 41  PHE A CE2 1 
ATOM   319 C  CZ  . PHE A 1 41 ? -2.279  3.145   6.325   1.00 24.20 ? 41  PHE A CZ  1 
ATOM   320 N  N   . ILE A 1 42 ? 0.607   6.261   4.837   1.00 23.42 ? 42  ILE A N   1 
ATOM   321 C  CA  . ILE A 1 42 ? 0.175   6.304   3.439   1.00 24.51 ? 42  ILE A CA  1 
ATOM   322 C  C   . ILE A 1 42 ? 1.098   7.159   2.560   1.00 27.06 ? 42  ILE A C   1 
ATOM   323 O  O   . ILE A 1 42 ? 1.365   6.806   1.402   1.00 28.41 ? 42  ILE A O   1 
ATOM   324 C  CB  . ILE A 1 42 ? -1.258  6.847   3.307   1.00 22.78 ? 42  ILE A CB  1 
ATOM   325 C  CG1 . ILE A 1 42 ? -2.253  5.863   3.941   1.00 22.46 ? 42  ILE A CG1 1 
ATOM   326 C  CG2 . ILE A 1 42 ? -1.579  7.104   1.855   1.00 17.35 ? 42  ILE A CG2 1 
ATOM   327 C  CD1 . ILE A 1 42 ? -2.431  4.557   3.186   1.00 24.02 ? 42  ILE A CD1 1 
ATOM   328 N  N   . ASN A 1 43 ? 1.582   8.282   3.090   1.00 26.18 ? 43  ASN A N   1 
ATOM   329 C  CA  . ASN A 1 43 ? 2.490   9.131   2.311   1.00 26.28 ? 43  ASN A CA  1 
ATOM   330 C  C   . ASN A 1 43 ? 3.867   8.483   2.236   1.00 25.98 ? 43  ASN A C   1 
ATOM   331 O  O   . ASN A 1 43 ? 4.592   8.669   1.270   1.00 22.89 ? 43  ASN A O   1 
ATOM   332 C  CB  . ASN A 1 43 ? 2.652   10.523  2.942   1.00 25.32 ? 43  ASN A CB  1 
ATOM   333 C  CG  . ASN A 1 43 ? 1.397   11.359  2.858   1.00 24.78 ? 43  ASN A CG  1 
ATOM   334 O  OD1 . ASN A 1 43 ? 1.139   12.187  3.737   1.00 21.78 ? 43  ASN A OD1 1 
ATOM   335 N  ND2 . ASN A 1 43 ? 0.613   11.163  1.798   1.00 22.74 ? 43  ASN A ND2 1 
ATOM   336 N  N   . ASP A 1 44 ? 4.236   7.731   3.266   1.00 28.08 ? 44  ASP A N   1 
ATOM   337 C  CA  . ASP A 1 44 ? 5.539   7.108   3.229   1.00 30.75 ? 44  ASP A CA  1 
ATOM   338 C  C   . ASP A 1 44 ? 5.578   6.012   2.188   1.00 30.35 ? 44  ASP A C   1 
ATOM   339 O  O   . ASP A 1 44 ? 6.591   5.825   1.528   1.00 32.07 ? 44  ASP A O   1 
ATOM   340 C  CB  . ASP A 1 44 ? 5.935   6.574   4.604   1.00 31.91 ? 44  ASP A CB  1 
ATOM   341 C  CG  . ASP A 1 44 ? 6.247   7.696   5.596   1.00 34.65 ? 44  ASP A CG  1 
ATOM   342 O  OD1 . ASP A 1 44 ? 6.435   8.865   5.168   1.00 35.86 ? 44  ASP A OD1 1 
ATOM   343 O  OD2 . ASP A 1 44 ? 6.320   7.411   6.811   1.00 36.30 ? 44  ASP A OD2 1 
ATOM   344 N  N   . ILE A 1 45 ? 4.472   5.301   2.014   1.00 30.01 ? 45  ILE A N   1 
ATOM   345 C  CA  . ILE A 1 45 ? 4.432   4.242   1.022   1.00 29.90 ? 45  ILE A CA  1 
ATOM   346 C  C   . ILE A 1 45 ? 4.509   4.838   -0.386  1.00 30.78 ? 45  ILE A C   1 
ATOM   347 O  O   . ILE A 1 45 ? 5.270   4.359   -1.220  1.00 32.70 ? 45  ILE A O   1 
ATOM   348 C  CB  . ILE A 1 45 ? 3.154   3.381   1.185   1.00 28.93 ? 45  ILE A CB  1 
ATOM   349 C  CG1 . ILE A 1 45 ? 3.194   2.684   2.547   1.00 28.69 ? 45  ILE A CG1 1 
ATOM   350 C  CG2 . ILE A 1 45 ? 3.049   2.359   0.057   1.00 25.32 ? 45  ILE A CG2 1 
ATOM   351 C  CD1 . ILE A 1 45 ? 2.016   1.778   2.838   1.00 28.75 ? 45  ILE A CD1 1 
ATOM   352 N  N   . LEU A 1 46 ? 3.733   5.882   -0.650  1.00 29.99 ? 46  LEU A N   1 
ATOM   353 C  CA  . LEU A 1 46 ? 3.757   6.527   -1.961  1.00 30.86 ? 46  LEU A CA  1 
ATOM   354 C  C   . LEU A 1 46 ? 5.147   7.036   -2.370  1.00 29.97 ? 46  LEU A C   1 
ATOM   355 O  O   . LEU A 1 46 ? 5.501   7.001   -3.542  1.00 27.37 ? 46  LEU A O   1 
ATOM   356 C  CB  . LEU A 1 46 ? 2.768   7.693   -1.991  1.00 32.19 ? 46  LEU A CB  1 
ATOM   357 C  CG  . LEU A 1 46 ? 1.309   7.367   -2.288  1.00 32.58 ? 46  LEU A CG  1 
ATOM   358 C  CD1 . LEU A 1 46 ? 0.842   6.231   -1.407  1.00 37.26 ? 46  LEU A CD1 1 
ATOM   359 C  CD2 . LEU A 1 46 ? 0.466   8.611   -2.056  1.00 34.48 ? 46  LEU A CD2 1 
ATOM   360 N  N   . LYS A 1 47 ? 5.920   7.515   -1.400  1.00 30.34 ? 47  LYS A N   1 
ATOM   361 C  CA  . LYS A 1 47 ? 7.258   8.024   -1.661  1.00 31.58 ? 47  LYS A CA  1 
ATOM   362 C  C   . LYS A 1 47 ? 8.222   6.906   -2.063  1.00 32.46 ? 47  LYS A C   1 
ATOM   363 O  O   . LYS A 1 47 ? 9.362   7.169   -2.465  1.00 35.51 ? 47  LYS A O   1 
ATOM   364 C  CB  . LYS A 1 47 ? 7.813   8.748   -0.428  1.00 32.46 ? 47  LYS A CB  1 
ATOM   365 C  CG  . LYS A 1 47 ? 7.180   10.101  -0.123  1.00 34.29 ? 47  LYS A CG  1 
ATOM   366 C  CD  . LYS A 1 47 ? 7.759   10.702  1.157   1.00 36.37 ? 47  LYS A CD  1 
ATOM   367 C  CE  . LYS A 1 47 ? 6.972   11.946  1.584   1.00 39.29 ? 47  LYS A CE  1 
ATOM   368 N  NZ  . LYS A 1 47 ? 7.233   12.337  3.007   1.00 39.61 ? 47  LYS A NZ  1 
ATOM   369 N  N   . VAL A 1 48 ? 7.776   5.659   -1.939  1.00 32.67 ? 48  VAL A N   1 
ATOM   370 C  CA  . VAL A 1 48 ? 8.596   4.511   -2.316  1.00 32.12 ? 48  VAL A CA  1 
ATOM   371 C  C   . VAL A 1 48 ? 8.690   4.431   -3.833  1.00 32.27 ? 48  VAL A C   1 
ATOM   372 O  O   . VAL A 1 48 ? 7.677   4.415   -4.526  1.00 31.05 ? 48  VAL A O   1 
ATOM   373 C  CB  . VAL A 1 48 ? 7.996   3.201   -1.769  1.00 32.09 ? 48  VAL A CB  1 
ATOM   374 C  CG1 . VAL A 1 48 ? 8.763   2.009   -2.314  1.00 31.96 ? 48  VAL A CG1 1 
ATOM   375 C  CG2 . VAL A 1 48 ? 8.055   3.210   -0.251  1.00 31.76 ? 48  VAL A CG2 1 
ATOM   376 N  N   . GLU A 1 49 ? 9.920   4.412   -4.337  1.00 34.24 ? 49  GLU A N   1 
ATOM   377 C  CA  . GLU A 1 49 ? 10.201  4.337   -5.771  1.00 35.95 ? 49  GLU A CA  1 
ATOM   378 C  C   . GLU A 1 49 ? 9.570   3.087   -6.364  1.00 36.10 ? 49  GLU A C   1 
ATOM   379 O  O   . GLU A 1 49 ? 9.959   1.964   -6.031  1.00 37.66 ? 49  GLU A O   1 
ATOM   380 C  CB  . GLU A 1 49 ? 11.720  4.307   -5.985  1.00 39.32 ? 49  GLU A CB  1 
ATOM   381 C  CG  . GLU A 1 49 ? 12.216  3.978   -7.411  1.00 42.21 ? 49  GLU A CG  1 
ATOM   382 C  CD  . GLU A 1 49 ? 12.492  5.212   -8.265  1.00 44.74 ? 49  GLU A CD  1 
ATOM   383 O  OE1 . GLU A 1 49 ? 13.057  5.051   -9.391  1.00 42.85 ? 49  GLU A OE1 1 
ATOM   384 O  OE2 . GLU A 1 49 ? 12.145  6.335   -7.807  1.00 43.03 ? 49  GLU A OE2 1 
ATOM   385 N  N   . GLY A 1 50 ? 8.596   3.281   -7.244  1.00 35.72 ? 50  GLY A N   1 
ATOM   386 C  CA  . GLY A 1 50 ? 7.941   2.145   -7.861  1.00 34.48 ? 50  GLY A CA  1 
ATOM   387 C  C   . GLY A 1 50 ? 6.473   2.024   -7.508  1.00 33.48 ? 50  GLY A C   1 
ATOM   388 O  O   . GLY A 1 50 ? 5.711   1.361   -8.213  1.00 34.29 ? 50  GLY A O   1 
ATOM   389 N  N   . VAL A 1 51 ? 6.071   2.643   -6.406  1.00 30.67 ? 51  VAL A N   1 
ATOM   390 C  CA  . VAL A 1 51 ? 4.678   2.601   -6.009  1.00 29.11 ? 51  VAL A CA  1 
ATOM   391 C  C   . VAL A 1 51 ? 3.906   3.559   -6.896  1.00 29.76 ? 51  VAL A C   1 
ATOM   392 O  O   . VAL A 1 51 ? 4.274   4.726   -7.036  1.00 30.94 ? 51  VAL A O   1 
ATOM   393 C  CB  . VAL A 1 51 ? 4.509   3.011   -4.532  1.00 28.95 ? 51  VAL A CB  1 
ATOM   394 C  CG1 . VAL A 1 51 ? 3.028   3.131   -4.184  1.00 23.32 ? 51  VAL A CG1 1 
ATOM   395 C  CG2 . VAL A 1 51 ? 5.180   1.971   -3.632  1.00 27.85 ? 51  VAL A CG2 1 
ATOM   396 N  N   . LYS A 1 52 ? 2.839   3.064   -7.508  1.00 30.80 ? 52  LYS A N   1 
ATOM   397 C  CA  . LYS A 1 52 ? 2.018   3.891   -8.386  1.00 32.61 ? 52  LYS A CA  1 
ATOM   398 C  C   . LYS A 1 52 ? 0.826   4.494   -7.631  1.00 31.05 ? 52  LYS A C   1 
ATOM   399 O  O   . LYS A 1 52 ? 0.638   5.704   -7.636  1.00 29.28 ? 52  LYS A O   1 
ATOM   400 C  CB  . LYS A 1 52 ? 1.526   3.061   -9.584  1.00 35.55 ? 52  LYS A CB  1 
ATOM   401 C  CG  . LYS A 1 52 ? 0.539   3.799   -10.503 1.00 40.49 ? 52  LYS A CG  1 
ATOM   402 C  CD  . LYS A 1 52 ? 1.239   4.787   -11.439 1.00 45.22 ? 52  LYS A CD  1 
ATOM   403 C  CE  . LYS A 1 52 ? 1.523   4.152   -12.802 1.00 47.74 ? 52  LYS A CE  1 
ATOM   404 N  NZ  . LYS A 1 52 ? 2.260   2.856   -12.663 1.00 49.08 ? 52  LYS A NZ  1 
ATOM   405 N  N   . SER A 1 53 ? 0.020   3.648   -6.996  1.00 31.57 ? 53  SER A N   1 
ATOM   406 C  CA  . SER A 1 53 ? -1.136  4.126   -6.243  1.00 32.89 ? 53  SER A CA  1 
ATOM   407 C  C   . SER A 1 53 ? -1.421  3.179   -5.094  1.00 31.31 ? 53  SER A C   1 
ATOM   408 O  O   . SER A 1 53 ? -0.802  2.122   -4.983  1.00 30.64 ? 53  SER A O   1 
ATOM   409 C  CB  . SER A 1 53 ? -2.383  4.203   -7.129  1.00 34.49 ? 53  SER A CB  1 
ATOM   410 O  OG  . SER A 1 53 ? -2.986  2.924   -7.245  1.00 36.03 ? 53  SER A OG  1 
ATOM   411 N  N   . ILE A 1 54 ? -2.387  3.559   -4.260  1.00 30.34 ? 54  ILE A N   1 
ATOM   412 C  CA  . ILE A 1 54 ? -2.777  2.755   -3.107  1.00 29.59 ? 54  ILE A CA  1 
ATOM   413 C  C   . ILE A 1 54 ? -4.288  2.732   -2.931  1.00 28.43 ? 54  ILE A C   1 
ATOM   414 O  O   . ILE A 1 54 ? -4.929  3.774   -2.913  1.00 29.13 ? 54  ILE A O   1 
ATOM   415 C  CB  . ILE A 1 54 ? -2.158  3.315   -1.795  1.00 30.59 ? 54  ILE A CB  1 
ATOM   416 C  CG1 . ILE A 1 54 ? -0.635  3.303   -1.890  1.00 29.28 ? 54  ILE A CG1 1 
ATOM   417 C  CG2 . ILE A 1 54 ? -2.614  2.488   -0.596  1.00 27.04 ? 54  ILE A CG2 1 
ATOM   418 C  CD1 . ILE A 1 54 ? -0.070  1.920   -2.092  1.00 34.91 ? 54  ILE A CD1 1 
ATOM   419 N  N   . PHE A 1 55 ? -4.854  1.537   -2.821  1.00 28.95 ? 55  PHE A N   1 
ATOM   420 C  CA  . PHE A 1 55 ? -6.286  1.392   -2.594  1.00 27.47 ? 55  PHE A CA  1 
ATOM   421 C  C   . PHE A 1 55 ? -6.392  0.965   -1.145  1.00 27.96 ? 55  PHE A C   1 
ATOM   422 O  O   . PHE A 1 55 ? -5.850  -0.068  -0.769  1.00 26.12 ? 55  PHE A O   1 
ATOM   423 C  CB  . PHE A 1 55 ? -6.887  0.305   -3.483  1.00 25.59 ? 55  PHE A CB  1 
ATOM   424 C  CG  . PHE A 1 55 ? -8.364  0.084   -3.264  1.00 22.87 ? 55  PHE A CG  1 
ATOM   425 C  CD1 . PHE A 1 55 ? -9.283  1.091   -3.543  1.00 20.06 ? 55  PHE A CD1 1 
ATOM   426 C  CD2 . PHE A 1 55 ? -8.840  -1.151  -2.824  1.00 20.91 ? 55  PHE A CD2 1 
ATOM   427 C  CE1 . PHE A 1 55 ? -10.655 0.869   -3.396  1.00 21.33 ? 55  PHE A CE1 1 
ATOM   428 C  CE2 . PHE A 1 55 ? -10.208 -1.382  -2.674  1.00 20.46 ? 55  PHE A CE2 1 
ATOM   429 C  CZ  . PHE A 1 55 ? -11.118 -0.372  -2.960  1.00 20.44 ? 55  PHE A CZ  1 
ATOM   430 N  N   . HIS A 1 56 ? -7.087  1.760   -0.338  1.00 29.88 ? 56  HIS A N   1 
ATOM   431 C  CA  . HIS A 1 56 ? -7.233  1.475   1.084   1.00 30.92 ? 56  HIS A CA  1 
ATOM   432 C  C   . HIS A 1 56 ? -8.691  1.313   1.497   1.00 31.70 ? 56  HIS A C   1 
ATOM   433 O  O   . HIS A 1 56 ? -9.483  2.245   1.359   1.00 32.98 ? 56  HIS A O   1 
ATOM   434 C  CB  . HIS A 1 56 ? -6.603  2.605   1.905   1.00 30.87 ? 56  HIS A CB  1 
ATOM   435 C  CG  . HIS A 1 56 ? -6.531  2.313   3.370   1.00 30.27 ? 56  HIS A CG  1 
ATOM   436 N  ND1 . HIS A 1 56 ? -6.165  3.263   4.299   1.00 29.32 ? 56  HIS A ND1 1 
ATOM   437 C  CD2 . HIS A 1 56 ? -6.755  1.173   4.064   1.00 31.13 ? 56  HIS A CD2 1 
ATOM   438 C  CE1 . HIS A 1 56 ? -6.163  2.718   5.501   1.00 30.48 ? 56  HIS A CE1 1 
ATOM   439 N  NE2 . HIS A 1 56 ? -6.517  1.450   5.387   1.00 31.97 ? 56  HIS A NE2 1 
ATOM   440 N  N   . VAL A 1 57 ? -9.038  0.144   2.030   1.00 32.23 ? 57  VAL A N   1 
ATOM   441 C  CA  . VAL A 1 57 ? -10.414 -0.109  2.455   1.00 33.22 ? 57  VAL A CA  1 
ATOM   442 C  C   . VAL A 1 57 ? -10.511 -1.243  3.463   1.00 34.07 ? 57  VAL A C   1 
ATOM   443 O  O   . VAL A 1 57 ? -9.855  -2.260  3.307   1.00 35.90 ? 57  VAL A O   1 
ATOM   444 C  CB  . VAL A 1 57 ? -11.313 -0.448  1.252   1.00 31.93 ? 57  VAL A CB  1 
ATOM   445 C  CG1 . VAL A 1 57 ? -10.926 -1.786  0.672   1.00 31.86 ? 57  VAL A CG1 1 
ATOM   446 C  CG2 . VAL A 1 57 ? -12.762 -0.440  1.680   1.00 33.04 ? 57  VAL A CG2 1 
HETATM 447 N  N   . MSE A 1 58 ? -11.329 -1.071  4.494   1.00 36.42 ? 58  MSE A N   1 
HETATM 448 C  CA  . MSE A 1 58 ? -11.488 -2.108  5.504   1.00 41.34 ? 58  MSE A CA  1 
HETATM 449 C  C   . MSE A 1 58 ? -10.166 -2.381  6.248   1.00 41.79 ? 58  MSE A C   1 
HETATM 450 O  O   . MSE A 1 58 ? -9.597  -1.472  6.860   1.00 43.17 ? 58  MSE A O   1 
HETATM 451 C  CB  . MSE A 1 58 ? -12.031 -3.401  4.854   1.00 46.38 ? 58  MSE A CB  1 
HETATM 452 C  CG  . MSE A 1 58 ? -13.510 -3.313  4.383   1.00 54.34 ? 58  MSE A CG  1 
HETATM 453 SE SE  . MSE A 1 58 ? -14.212 -4.875  3.387   1.00 66.59 ? 58  MSE A SE  1 
HETATM 454 C  CE  . MSE A 1 58 ? -14.007 -4.260  1.570   1.00 62.17 ? 58  MSE A CE  1 
ATOM   455 N  N   . ASP A 1 59 ? -9.678  -3.620  6.192   1.00 41.34 ? 59  ASP A N   1 
ATOM   456 C  CA  . ASP A 1 59 ? -8.440  -4.013  6.883   1.00 40.98 ? 59  ASP A CA  1 
ATOM   457 C  C   . ASP A 1 59 ? -7.254  -4.273  5.952   1.00 39.97 ? 59  ASP A C   1 
ATOM   458 O  O   . ASP A 1 59 ? -6.359  -5.051  6.292   1.00 39.81 ? 59  ASP A O   1 
ATOM   459 C  CB  . ASP A 1 59 ? -8.694  -5.277  7.713   1.00 42.22 ? 59  ASP A CB  1 
ATOM   460 C  CG  . ASP A 1 59 ? -8.867  -6.527  6.848   1.00 44.06 ? 59  ASP A CG  1 
ATOM   461 O  OD1 . ASP A 1 59 ? -9.494  -6.427  5.769   1.00 44.01 ? 59  ASP A OD1 1 
ATOM   462 O  OD2 . ASP A 1 59 ? -8.386  -7.618  7.243   1.00 45.92 ? 59  ASP A OD2 1 
ATOM   463 N  N   . PHE A 1 60 ? -7.231  -3.629  4.787   1.00 38.42 ? 60  PHE A N   1 
ATOM   464 C  CA  . PHE A 1 60 ? -6.134  -3.865  3.847   1.00 35.70 ? 60  PHE A CA  1 
ATOM   465 C  C   . PHE A 1 60 ? -5.912  -2.757  2.836   1.00 32.96 ? 60  PHE A C   1 
ATOM   466 O  O   . PHE A 1 60 ? -6.811  -1.975  2.540   1.00 33.79 ? 60  PHE A O   1 
ATOM   467 C  CB  . PHE A 1 60 ? -6.374  -5.167  3.060   1.00 34.83 ? 60  PHE A CB  1 
ATOM   468 C  CG  . PHE A 1 60 ? -7.488  -5.069  2.048   1.00 34.10 ? 60  PHE A CG  1 
ATOM   469 C  CD1 . PHE A 1 60 ? -8.787  -5.442  2.382   1.00 35.11 ? 60  PHE A CD1 1 
ATOM   470 C  CD2 . PHE A 1 60 ? -7.245  -4.563  0.769   1.00 33.91 ? 60  PHE A CD2 1 
ATOM   471 C  CE1 . PHE A 1 60 ? -9.830  -5.320  1.458   1.00 34.70 ? 60  PHE A CE1 1 
ATOM   472 C  CE2 . PHE A 1 60 ? -8.277  -4.436  -0.160  1.00 34.73 ? 60  PHE A CE2 1 
ATOM   473 C  CZ  . PHE A 1 60 ? -9.577  -4.812  0.185   1.00 34.92 ? 60  PHE A CZ  1 
ATOM   474 N  N   . ILE A 1 61 ? -4.698  -2.709  2.303   1.00 29.23 ? 61  ILE A N   1 
ATOM   475 C  CA  . ILE A 1 61 ? -4.360  -1.745  1.275   1.00 26.30 ? 61  ILE A CA  1 
ATOM   476 C  C   . ILE A 1 61 ? -3.836  -2.525  0.080   1.00 26.63 ? 61  ILE A C   1 
ATOM   477 O  O   . ILE A 1 61 ? -3.051  -3.463  0.229   1.00 27.47 ? 61  ILE A O   1 
ATOM   478 C  CB  . ILE A 1 61 ? -3.261  -0.743  1.699   1.00 24.64 ? 61  ILE A CB  1 
ATOM   479 C  CG1 . ILE A 1 61 ? -1.999  -1.484  2.104   1.00 27.96 ? 61  ILE A CG1 1 
ATOM   480 C  CG2 . ILE A 1 61 ? -3.760  0.143   2.790   1.00 24.40 ? 61  ILE A CG2 1 
ATOM   481 C  CD1 . ILE A 1 61 ? -0.820  -0.554  2.421   1.00 29.23 ? 61  ILE A CD1 1 
ATOM   482 N  N   . SER A 1 62 ? -4.301  -2.164  -1.106  1.00 26.54 ? 62  SER A N   1 
ATOM   483 C  CA  . SER A 1 62 ? -3.829  -2.805  -2.317  1.00 24.28 ? 62  SER A CA  1 
ATOM   484 C  C   . SER A 1 62 ? -2.906  -1.794  -2.976  1.00 23.99 ? 62  SER A C   1 
ATOM   485 O  O   . SER A 1 62 ? -3.320  -0.716  -3.414  1.00 20.33 ? 62  SER A O   1 
ATOM   486 C  CB  . SER A 1 62 ? -4.989  -3.163  -3.239  1.00 23.77 ? 62  SER A CB  1 
ATOM   487 O  OG  . SER A 1 62 ? -5.595  -4.377  -2.843  1.00 23.23 ? 62  SER A OG  1 
ATOM   488 N  N   . VAL A 1 63 ? -1.638  -2.166  -3.013  1.00 23.13 ? 63  VAL A N   1 
ATOM   489 C  CA  . VAL A 1 63 ? -0.594  -1.342  -3.573  1.00 26.60 ? 63  VAL A CA  1 
ATOM   490 C  C   . VAL A 1 63 ? -0.350  -1.700  -5.038  1.00 28.74 ? 63  VAL A C   1 
ATOM   491 O  O   . VAL A 1 63 ? -0.276  -2.876  -5.386  1.00 31.34 ? 63  VAL A O   1 
ATOM   492 C  CB  . VAL A 1 63 ? 0.689   -1.554  -2.751  1.00 25.55 ? 63  VAL A CB  1 
ATOM   493 C  CG1 . VAL A 1 63 ? 1.819   -0.699  -3.284  1.00 26.31 ? 63  VAL A CG1 1 
ATOM   494 C  CG2 . VAL A 1 63 ? 0.404   -1.239  -1.293  1.00 23.06 ? 63  VAL A CG2 1 
ATOM   495 N  N   . ASP A 1 64 ? -0.252  -0.683  -5.889  1.00 30.89 ? 64  ASP A N   1 
ATOM   496 C  CA  . ASP A 1 64 ? 0.014   -0.873  -7.309  1.00 34.09 ? 64  ASP A CA  1 
ATOM   497 C  C   . ASP A 1 64 ? 1.411   -0.334  -7.592  1.00 34.93 ? 64  ASP A C   1 
ATOM   498 O  O   . ASP A 1 64 ? 1.738   0.796   -7.220  1.00 33.72 ? 64  ASP A O   1 
ATOM   499 C  CB  . ASP A 1 64 ? -0.989  -0.112  -8.190  1.00 36.61 ? 64  ASP A CB  1 
ATOM   500 C  CG  . ASP A 1 64 ? -2.390  -0.688  -8.132  1.00 38.89 ? 64  ASP A CG  1 
ATOM   501 O  OD1 . ASP A 1 64 ? -2.558  -1.907  -8.312  1.00 40.96 ? 64  ASP A OD1 1 
ATOM   502 O  OD2 . ASP A 1 64 ? -3.339  0.089   -7.919  1.00 43.28 ? 64  ASP A OD2 1 
ATOM   503 N  N   . LYS A 1 65 ? 2.226   -1.146  -8.255  1.00 36.13 ? 65  LYS A N   1 
ATOM   504 C  CA  . LYS A 1 65 ? 3.585   -0.762  -8.595  1.00 37.13 ? 65  LYS A CA  1 
ATOM   505 C  C   . LYS A 1 65 ? 3.624   -0.243  -10.021 1.00 38.87 ? 65  LYS A C   1 
ATOM   506 O  O   . LYS A 1 65 ? 2.638   -0.334  -10.747 1.00 38.11 ? 65  LYS A O   1 
ATOM   507 C  CB  . LYS A 1 65 ? 4.516   -1.969  -8.481  1.00 35.84 ? 65  LYS A CB  1 
ATOM   508 C  CG  . LYS A 1 65 ? 4.318   -3.010  -9.579  1.00 36.37 ? 65  LYS A CG  1 
ATOM   509 C  CD  . LYS A 1 65 ? 5.365   -4.117  -9.487  1.00 35.14 ? 65  LYS A CD  1 
ATOM   510 C  CE  . LYS A 1 65 ? 5.308   -5.060  -10.686 1.00 33.41 ? 65  LYS A CE  1 
ATOM   511 N  NZ  . LYS A 1 65 ? 5.607   -4.349  -11.957 1.00 33.71 ? 65  LYS A NZ  1 
ATOM   512 N  N   . GLU A 1 66 ? 4.768   0.310   -10.408 1.00 41.63 ? 66  GLU A N   1 
ATOM   513 C  CA  . GLU A 1 66 ? 4.957   0.811   -11.761 1.00 45.46 ? 66  GLU A CA  1 
ATOM   514 C  C   . GLU A 1 66 ? 5.183   -0.417  -12.641 1.00 46.50 ? 66  GLU A C   1 
ATOM   515 O  O   . GLU A 1 66 ? 5.773   -1.402  -12.194 1.00 46.43 ? 66  GLU A O   1 
ATOM   516 C  CB  . GLU A 1 66 ? 6.181   1.730   -11.821 1.00 48.25 ? 66  GLU A CB  1 
ATOM   517 C  CG  . GLU A 1 66 ? 6.037   3.023   -11.034 1.00 51.72 ? 66  GLU A CG  1 
ATOM   518 C  CD  . GLU A 1 66 ? 5.057   3.986   -11.678 1.00 54.17 ? 66  GLU A CD  1 
ATOM   519 O  OE1 . GLU A 1 66 ? 4.769   5.051   -11.079 1.00 55.49 ? 66  GLU A OE1 1 
ATOM   520 O  OE2 . GLU A 1 66 ? 4.576   3.679   -12.793 1.00 54.55 ? 66  GLU A OE2 1 
ATOM   521 N  N   . ASN A 1 67 ? 4.711   -0.360  -13.881 1.00 48.15 ? 67  ASN A N   1 
ATOM   522 C  CA  . ASN A 1 67 ? 4.863   -1.479  -14.812 1.00 50.13 ? 67  ASN A CA  1 
ATOM   523 C  C   . ASN A 1 67 ? 6.320   -1.885  -15.004 1.00 51.26 ? 67  ASN A C   1 
ATOM   524 O  O   . ASN A 1 67 ? 6.627   -3.061  -15.216 1.00 52.68 ? 67  ASN A O   1 
ATOM   525 C  CB  . ASN A 1 67 ? 4.265   -1.124  -16.176 1.00 50.98 ? 67  ASN A CB  1 
ATOM   526 C  CG  . ASN A 1 67 ? 4.414   -2.252  -17.189 1.00 53.68 ? 67  ASN A CG  1 
ATOM   527 O  OD1 . ASN A 1 67 ? 3.847   -3.338  -17.018 1.00 54.68 ? 67  ASN A OD1 1 
ATOM   528 N  ND2 . ASN A 1 67 ? 5.187   -2.004  -18.249 1.00 52.53 ? 67  ASN A ND2 1 
ATOM   529 N  N   . ASP A 1 68 ? 7.215   -0.910  -14.925 1.00 50.53 ? 68  ASP A N   1 
ATOM   530 C  CA  . ASP A 1 68 ? 8.628   -1.177  -15.101 1.00 51.48 ? 68  ASP A CA  1 
ATOM   531 C  C   . ASP A 1 68 ? 9.343   -1.600  -13.818 1.00 49.01 ? 68  ASP A C   1 
ATOM   532 O  O   . ASP A 1 68 ? 10.479  -2.065  -13.868 1.00 49.52 ? 68  ASP A O   1 
ATOM   533 C  CB  . ASP A 1 68 ? 9.308   0.055   -15.697 1.00 55.53 ? 68  ASP A CB  1 
ATOM   534 C  CG  . ASP A 1 68 ? 8.633   0.528   -16.978 1.00 60.48 ? 68  ASP A CG  1 
ATOM   535 O  OD1 . ASP A 1 68 ? 7.449   0.934   -16.906 1.00 63.35 ? 68  ASP A OD1 1 
ATOM   536 O  OD2 . ASP A 1 68 ? 9.277   0.492   -18.055 1.00 62.69 ? 68  ASP A OD2 1 
ATOM   537 N  N   . ALA A 1 69 ? 8.682   -1.446  -12.675 1.00 45.59 ? 69  ALA A N   1 
ATOM   538 C  CA  . ALA A 1 69 ? 9.289   -1.815  -11.407 1.00 42.75 ? 69  ALA A CA  1 
ATOM   539 C  C   . ALA A 1 69 ? 9.010   -3.269  -11.041 1.00 41.54 ? 69  ALA A C   1 
ATOM   540 O  O   . ALA A 1 69 ? 8.113   -3.903  -11.597 1.00 40.28 ? 69  ALA A O   1 
ATOM   541 C  CB  . ALA A 1 69 ? 8.788   -0.896  -10.307 1.00 41.43 ? 69  ALA A CB  1 
ATOM   542 N  N   . ASN A 1 70 ? 9.795   -3.790  -10.104 1.00 40.11 ? 70  ASN A N   1 
ATOM   543 C  CA  . ASN A 1 70 ? 9.637   -5.163  -9.638  1.00 39.67 ? 70  ASN A CA  1 
ATOM   544 C  C   . ASN A 1 70 ? 9.411   -5.217  -8.128  1.00 39.12 ? 70  ASN A C   1 
ATOM   545 O  O   . ASN A 1 70 ? 10.014  -4.466  -7.368  1.00 39.80 ? 70  ASN A O   1 
ATOM   546 C  CB  . ASN A 1 70 ? 10.869  -5.995  -9.983  1.00 40.07 ? 70  ASN A CB  1 
ATOM   547 C  CG  . ASN A 1 70 ? 12.134  -5.419  -9.396  1.00 39.37 ? 70  ASN A CG  1 
ATOM   548 O  OD1 . ASN A 1 70 ? 12.809  -4.619  -10.037 1.00 38.54 ? 70  ASN A OD1 1 
ATOM   549 N  ND2 . ASN A 1 70 ? 12.456  -5.807  -8.161  1.00 38.84 ? 70  ASN A ND2 1 
ATOM   550 N  N   . TRP A 1 71 ? 8.558   -6.135  -7.695  1.00 38.35 ? 71  TRP A N   1 
ATOM   551 C  CA  . TRP A 1 71 ? 8.243   -6.271  -6.287  1.00 36.99 ? 71  TRP A CA  1 
ATOM   552 C  C   . TRP A 1 71 ? 9.404   -6.645  -5.391  1.00 38.16 ? 71  TRP A C   1 
ATOM   553 O  O   . TRP A 1 71 ? 9.391   -6.320  -4.208  1.00 36.75 ? 71  TRP A O   1 
ATOM   554 C  CB  . TRP A 1 71 ? 7.114   -7.276  -6.124  1.00 36.69 ? 71  TRP A CB  1 
ATOM   555 C  CG  . TRP A 1 71 ? 5.816   -6.771  -6.655  1.00 35.10 ? 71  TRP A CG  1 
ATOM   556 C  CD1 . TRP A 1 71 ? 5.155   -7.203  -7.771  1.00 35.14 ? 71  TRP A CD1 1 
ATOM   557 C  CD2 . TRP A 1 71 ? 4.996   -5.753  -6.070  1.00 34.21 ? 71  TRP A CD2 1 
ATOM   558 N  NE1 . TRP A 1 71 ? 3.964   -6.522  -7.910  1.00 34.63 ? 71  TRP A NE1 1 
ATOM   559 C  CE2 . TRP A 1 71 ? 3.839   -5.629  -6.876  1.00 34.19 ? 71  TRP A CE2 1 
ATOM   560 C  CE3 . TRP A 1 71 ? 5.119   -4.937  -4.932  1.00 33.28 ? 71  TRP A CE3 1 
ATOM   561 C  CZ2 . TRP A 1 71 ? 2.813   -4.719  -6.586  1.00 33.12 ? 71  TRP A CZ2 1 
ATOM   562 C  CZ3 . TRP A 1 71 ? 4.092   -4.028  -4.645  1.00 31.45 ? 71  TRP A CZ3 1 
ATOM   563 C  CH2 . TRP A 1 71 ? 2.956   -3.935  -5.469  1.00 30.80 ? 71  TRP A CH2 1 
ATOM   564 N  N   . GLU A 1 72 ? 10.398  -7.339  -5.950  1.00 41.11 ? 72  GLU A N   1 
ATOM   565 C  CA  . GLU A 1 72 ? 11.583  -7.751  -5.191  1.00 41.75 ? 72  GLU A CA  1 
ATOM   566 C  C   . GLU A 1 72 ? 12.278  -6.530  -4.567  1.00 41.51 ? 72  GLU A C   1 
ATOM   567 O  O   . GLU A 1 72 ? 12.898  -6.632  -3.513  1.00 43.21 ? 72  GLU A O   1 
ATOM   568 C  CB  . GLU A 1 72 ? 12.590  -8.475  -6.100  1.00 43.25 ? 72  GLU A CB  1 
ATOM   569 C  CG  . GLU A 1 72 ? 12.141  -9.808  -6.712  1.00 46.91 ? 72  GLU A CG  1 
ATOM   570 C  CD  . GLU A 1 72 ? 11.138  -9.665  -7.854  1.00 49.09 ? 72  GLU A CD  1 
ATOM   571 O  OE1 . GLU A 1 72 ? 11.333  -8.803  -8.738  1.00 52.25 ? 72  GLU A OE1 1 
ATOM   572 O  OE2 . GLU A 1 72 ? 10.159  -10.437 -7.887  1.00 49.45 ? 72  GLU A OE2 1 
ATOM   573 N  N   . THR A 1 73 ? 12.171  -5.378  -5.225  1.00 40.45 ? 73  THR A N   1 
ATOM   574 C  CA  . THR A 1 73 ? 12.793  -4.155  -4.724  1.00 41.09 ? 73  THR A CA  1 
ATOM   575 C  C   . THR A 1 73 ? 11.825  -3.189  -4.036  1.00 39.69 ? 73  THR A C   1 
ATOM   576 O  O   . THR A 1 73 ? 12.231  -2.423  -3.160  1.00 40.08 ? 73  THR A O   1 
ATOM   577 C  CB  . THR A 1 73 ? 13.510  -3.381  -5.860  1.00 43.47 ? 73  THR A CB  1 
ATOM   578 O  OG1 . THR A 1 73 ? 14.034  -2.152  -5.342  1.00 43.69 ? 73  THR A OG1 1 
ATOM   579 C  CG2 . THR A 1 73 ? 12.540  -3.061  -6.984  1.00 45.05 ? 73  THR A CG2 1 
ATOM   580 N  N   . VAL A 1 74 ? 10.556  -3.226  -4.441  1.00 37.45 ? 74  VAL A N   1 
ATOM   581 C  CA  . VAL A 1 74 ? 9.521   -2.352  -3.884  1.00 34.01 ? 74  VAL A CA  1 
ATOM   582 C  C   . VAL A 1 74 ? 8.903   -2.867  -2.580  1.00 33.75 ? 74  VAL A C   1 
ATOM   583 O  O   . VAL A 1 74 ? 8.765   -2.111  -1.614  1.00 32.39 ? 74  VAL A O   1 
ATOM   584 C  CB  . VAL A 1 74 ? 8.368   -2.122  -4.913  1.00 33.42 ? 74  VAL A CB  1 
ATOM   585 C  CG1 . VAL A 1 74 ? 7.254   -1.271  -4.295  1.00 31.64 ? 74  VAL A CG1 1 
ATOM   586 C  CG2 . VAL A 1 74 ? 8.906   -1.453  -6.161  1.00 31.93 ? 74  VAL A CG2 1 
ATOM   587 N  N   . LEU A 1 75 ? 8.555   -4.150  -2.551  1.00 33.72 ? 75  LEU A N   1 
ATOM   588 C  CA  . LEU A 1 75 ? 7.920   -4.752  -1.376  1.00 35.49 ? 75  LEU A CA  1 
ATOM   589 C  C   . LEU A 1 75 ? 8.696   -4.551  -0.078  1.00 36.88 ? 75  LEU A C   1 
ATOM   590 O  O   . LEU A 1 75 ? 8.114   -4.208  0.954   1.00 37.81 ? 75  LEU A O   1 
ATOM   591 C  CB  . LEU A 1 75 ? 7.665   -6.255  -1.609  1.00 34.74 ? 75  LEU A CB  1 
ATOM   592 C  CG  . LEU A 1 75 ? 6.492   -6.875  -0.841  1.00 33.16 ? 75  LEU A CG  1 
ATOM   593 C  CD1 . LEU A 1 75 ? 5.251   -6.054  -1.133  1.00 34.40 ? 75  LEU A CD1 1 
ATOM   594 C  CD2 . LEU A 1 75 ? 6.270   -8.324  -1.231  1.00 31.15 ? 75  LEU A CD2 1 
ATOM   595 N  N   . PRO A 1 76 ? 10.022  -4.757  -0.105  1.00 37.92 ? 76  PRO A N   1 
ATOM   596 C  CA  . PRO A 1 76 ? 10.794  -4.575  1.125   1.00 38.17 ? 76  PRO A CA  1 
ATOM   597 C  C   . PRO A 1 76 ? 10.757  -3.144  1.640   1.00 38.48 ? 76  PRO A C   1 
ATOM   598 O  O   . PRO A 1 76 ? 10.678  -2.901  2.850   1.00 37.12 ? 76  PRO A O   1 
ATOM   599 C  CB  . PRO A 1 76 ? 12.195  -5.024  0.719   1.00 38.08 ? 76  PRO A CB  1 
ATOM   600 C  CG  . PRO A 1 76 ? 12.236  -4.737  -0.748  1.00 39.00 ? 76  PRO A CG  1 
ATOM   601 C  CD  . PRO A 1 76 ? 10.890  -5.216  -1.203  1.00 37.88 ? 76  PRO A CD  1 
ATOM   602 N  N   . LYS A 1 77 ? 10.816  -2.190  0.721   1.00 39.30 ? 77  LYS A N   1 
ATOM   603 C  CA  . LYS A 1 77 ? 10.776  -0.793  1.129   1.00 40.34 ? 77  LYS A CA  1 
ATOM   604 C  C   . LYS A 1 77 ? 9.369   -0.469  1.625   1.00 41.26 ? 77  LYS A C   1 
ATOM   605 O  O   . LYS A 1 77 ? 9.190   0.359   2.518   1.00 43.00 ? 77  LYS A O   1 
ATOM   606 C  CB  . LYS A 1 77 ? 11.159  0.120   -0.037  1.00 39.78 ? 77  LYS A CB  1 
ATOM   607 C  CG  . LYS A 1 77 ? 12.565  -0.099  -0.560  1.00 39.77 ? 77  LYS A CG  1 
ATOM   608 C  CD  . LYS A 1 77 ? 12.806  0.758   -1.781  1.00 42.55 ? 77  LYS A CD  1 
ATOM   609 C  CE  . LYS A 1 77 ? 14.114  0.421   -2.480  1.00 42.23 ? 77  LYS A CE  1 
ATOM   610 N  NZ  . LYS A 1 77 ? 14.232  1.196   -3.757  1.00 41.73 ? 77  LYS A NZ  1 
ATOM   611 N  N   . VAL A 1 78 ? 8.375   -1.142  1.053   1.00 40.40 ? 78  VAL A N   1 
ATOM   612 C  CA  . VAL A 1 78 ? 7.001   -0.922  1.455   1.00 39.79 ? 78  VAL A CA  1 
ATOM   613 C  C   . VAL A 1 78 ? 6.763   -1.415  2.870   1.00 40.30 ? 78  VAL A C   1 
ATOM   614 O  O   . VAL A 1 78 ? 6.092   -0.752  3.654   1.00 41.24 ? 78  VAL A O   1 
ATOM   615 C  CB  . VAL A 1 78 ? 6.022   -1.633  0.515   1.00 38.99 ? 78  VAL A CB  1 
ATOM   616 C  CG1 . VAL A 1 78 ? 4.613   -1.557  1.084   1.00 35.18 ? 78  VAL A CG1 1 
ATOM   617 C  CG2 . VAL A 1 78 ? 6.074   -0.991  -0.860  1.00 38.18 ? 78  VAL A CG2 1 
ATOM   618 N  N   . GLU A 1 79 ? 7.313   -2.577  3.193   1.00 39.75 ? 79  GLU A N   1 
ATOM   619 C  CA  . GLU A 1 79 ? 7.153   -3.143  4.523   1.00 40.63 ? 79  GLU A CA  1 
ATOM   620 C  C   . GLU A 1 79 ? 8.022   -2.386  5.510   1.00 40.15 ? 79  GLU A C   1 
ATOM   621 O  O   . GLU A 1 79 ? 7.720   -2.331  6.695   1.00 40.62 ? 79  GLU A O   1 
ATOM   622 C  CB  . GLU A 1 79 ? 7.532   -4.627  4.512   1.00 41.48 ? 79  GLU A CB  1 
ATOM   623 C  CG  . GLU A 1 79 ? 7.318   -5.348  5.838   1.00 44.28 ? 79  GLU A CG  1 
ATOM   624 C  CD  . GLU A 1 79 ? 8.516   -5.254  6.768   1.00 46.23 ? 79  GLU A CD  1 
ATOM   625 O  OE1 . GLU A 1 79 ? 8.431   -5.749  7.917   1.00 46.80 ? 79  GLU A OE1 1 
ATOM   626 O  OE2 . GLU A 1 79 ? 9.550   -4.689  6.352   1.00 48.42 ? 79  GLU A OE2 1 
ATOM   627 N  N   . ALA A 1 80 ? 9.104   -1.796  5.013   1.00 40.45 ? 80  ALA A N   1 
ATOM   628 C  CA  . ALA A 1 80 ? 10.018  -1.041  5.862   1.00 40.17 ? 80  ALA A CA  1 
ATOM   629 C  C   . ALA A 1 80 ? 9.321   0.167   6.491   1.00 40.22 ? 80  ALA A C   1 
ATOM   630 O  O   . ALA A 1 80 ? 9.748   0.677   7.529   1.00 39.71 ? 80  ALA A O   1 
ATOM   631 C  CB  . ALA A 1 80 ? 11.223  -0.588  5.053   1.00 39.36 ? 80  ALA A CB  1 
ATOM   632 N  N   . VAL A 1 81 ? 8.251   0.623   5.848   1.00 40.16 ? 81  VAL A N   1 
ATOM   633 C  CA  . VAL A 1 81 ? 7.479   1.760   6.329   1.00 39.16 ? 81  VAL A CA  1 
ATOM   634 C  C   . VAL A 1 81 ? 6.857   1.442   7.690   1.00 37.69 ? 81  VAL A C   1 
ATOM   635 O  O   . VAL A 1 81 ? 6.888   2.268   8.594   1.00 35.11 ? 81  VAL A O   1 
ATOM   636 C  CB  . VAL A 1 81 ? 6.364   2.126   5.310   1.00 39.23 ? 81  VAL A CB  1 
ATOM   637 C  CG1 . VAL A 1 81 ? 5.465   3.224   5.865   1.00 39.09 ? 81  VAL A CG1 1 
ATOM   638 C  CG2 . VAL A 1 81 ? 6.992   2.563   3.998   1.00 38.46 ? 81  VAL A CG2 1 
ATOM   639 N  N   . PHE A 1 82 ? 6.305   0.243   7.839   1.00 37.55 ? 82  PHE A N   1 
ATOM   640 C  CA  . PHE A 1 82 ? 5.688   -0.140  9.105   1.00 39.85 ? 82  PHE A CA  1 
ATOM   641 C  C   . PHE A 1 82 ? 6.759   -0.386  10.163  1.00 44.19 ? 82  PHE A C   1 
ATOM   642 O  O   . PHE A 1 82 ? 6.465   -0.570  11.343  1.00 45.22 ? 82  PHE A O   1 
ATOM   643 C  CB  . PHE A 1 82 ? 4.807   -1.373  8.892   1.00 36.57 ? 82  PHE A CB  1 
ATOM   644 C  CG  . PHE A 1 82 ? 3.690   -1.141  7.905   1.00 33.37 ? 82  PHE A CG  1 
ATOM   645 C  CD1 . PHE A 1 82 ? 2.532   -0.468  8.288   1.00 30.86 ? 82  PHE A CD1 1 
ATOM   646 C  CD2 . PHE A 1 82 ? 3.826   -1.529  6.578   1.00 31.59 ? 82  PHE A CD2 1 
ATOM   647 C  CE1 . PHE A 1 82 ? 1.521   -0.178  7.358   1.00 30.41 ? 82  PHE A CE1 1 
ATOM   648 C  CE2 . PHE A 1 82 ? 2.820   -1.244  5.640   1.00 32.05 ? 82  PHE A CE2 1 
ATOM   649 C  CZ  . PHE A 1 82 ? 1.667   -0.566  6.035   1.00 29.42 ? 82  PHE A CZ  1 
ATOM   650 N  N   . GLU A 1 83 ? 8.013   -0.359  9.726   1.00 48.39 ? 83  GLU A N   1 
ATOM   651 C  CA  . GLU A 1 83 ? 9.144   -0.549  10.617  1.00 51.25 ? 83  GLU A CA  1 
ATOM   652 C  C   . GLU A 1 83 ? 9.052   -1.855  11.369  1.00 53.70 ? 83  GLU A C   1 
ATOM   653 O  O   . GLU A 1 83 ? 9.349   -2.905  10.746  1.00 55.90 ? 83  GLU A O   1 
ATOM   654 C  CB  . GLU A 1 83 ? 9.224   0.609   11.613  1.00 50.39 ? 83  GLU A CB  1 
ATOM   655 C  CG  . GLU A 1 83 ? 9.965   1.820   11.085  1.00 52.06 ? 83  GLU A CG  1 
ATOM   656 C  CD  . GLU A 1 83 ? 9.531   3.090   11.766  1.00 52.69 ? 83  GLU A CD  1 
ATOM   657 O  OE1 . GLU A 1 83 ? 8.572   3.736   11.265  1.00 51.71 ? 83  GLU A OE1 1 
ATOM   658 O  OE2 . GLU A 1 83 ? 10.137  3.429   12.813  1.00 52.13 ? 83  GLU A OE2 1 
HETATM 659 O  O   . HOH B 2 .  ? 1.771   -11.318 11.446  1.00 28.27 ? 92  HOH A O   1 
HETATM 660 O  O   . HOH B 2 .  ? 5.193   -5.163  9.773   1.00 31.72 ? 93  HOH A O   1 
HETATM 661 O  O   . HOH B 2 .  ? -5.822  -6.742  -8.327  1.00 15.85 ? 94  HOH A O   1 
HETATM 662 O  O   . HOH B 2 .  ? -0.454  -14.875 1.678   1.00 19.67 ? 95  HOH A O   1 
HETATM 663 O  O   . HOH B 2 .  ? -1.512  -15.995 -7.859  1.00 39.56 ? 96  HOH A O   1 
HETATM 664 O  O   . HOH B 2 .  ? 10.583  -5.624  -15.533 1.00 62.60 ? 97  HOH A O   1 
HETATM 665 O  O   . HOH B 2 .  ? 7.976   -6.986  -13.118 1.00 29.36 ? 98  HOH A O   1 
HETATM 666 O  O   . HOH B 2 .  ? -4.688  -13.271 -13.701 1.00 31.22 ? 99  HOH A O   1 
HETATM 667 O  O   . HOH B 2 .  ? -11.357 5.789   8.612   1.00 21.78 ? 100 HOH A O   1 
HETATM 668 O  O   . HOH B 2 .  ? -10.794 6.707   10.937  1.00 49.62 ? 101 HOH A O   1 
HETATM 669 O  O   . HOH B 2 .  ? -11.725 4.485   -3.586  1.00 34.99 ? 102 HOH A O   1 
HETATM 670 O  O   . HOH B 2 .  ? -9.205  10.104  -2.233  1.00 30.02 ? 103 HOH A O   1 
HETATM 671 O  O   . HOH B 2 .  ? -6.559  12.010  -0.617  1.00 28.18 ? 104 HOH A O   1 
HETATM 672 O  O   . HOH B 2 .  ? -3.587  11.294  -3.896  1.00 19.63 ? 105 HOH A O   1 
HETATM 673 O  O   . HOH B 2 .  ? -2.599  14.079  -9.199  1.00 65.47 ? 106 HOH A O   1 
HETATM 674 O  O   . HOH B 2 .  ? 3.181   12.381  6.132   1.00 23.11 ? 107 HOH A O   1 
HETATM 675 O  O   . HOH B 2 .  ? -6.683  16.607  0.413   1.00 44.77 ? 108 HOH A O   1 
HETATM 676 O  O   . HOH B 2 .  ? 12.021  4.256   -2.520  1.00 36.20 ? 109 HOH A O   1 
HETATM 677 O  O   . HOH B 2 .  ? 16.413  1.218   -5.009  1.00 47.52 ? 110 HOH A O   1 
HETATM 678 O  O   . HOH B 2 .  ? 14.190  0.538   -7.333  1.00 57.61 ? 111 HOH A O   1 
HETATM 679 O  O   . HOH B 2 .  ? 3.053   2.635   -14.897 1.00 25.17 ? 112 HOH A O   1 
HETATM 680 O  O   . HOH B 2 .  ? 10.985  -2.030  -19.710 1.00 26.54 ? 113 HOH A O   1 
HETATM 681 O  O   . HOH B 2 .  ? 10.111  -4.349  -19.932 1.00 38.98 ? 114 HOH A O   1 
HETATM 682 O  O   . HOH B 2 .  ? -5.701  -11.191 -16.394 1.00 48.45 ? 115 HOH A O   1 
HETATM 683 O  O   . HOH B 2 .  ? 7.202   2.401   -19.049 1.00 50.64 ? 116 HOH A O   1 
HETATM 684 O  O   . HOH B 2 .  ? 12.765  -8.600  -10.937 1.00 24.53 ? 117 HOH A O   1 
# 
